data_6NEU
#
_entry.id   6NEU
#
_cell.length_a   70.801
_cell.length_b   184.173
_cell.length_c   163.520
_cell.angle_alpha   90.000
_cell.angle_beta   90.000
_cell.angle_gamma   90.000
#
_symmetry.space_group_name_H-M   'C 2 2 21'
#
loop_
_entity.id
_entity.type
_entity.pdbx_description
1 polymer 'FAD-dependent monooxygenase tropB'
2 non-polymer 'FLAVIN-ADENINE DINUCLEOTIDE'
3 non-polymer 'CHLORIDE ION'
4 non-polymer GLYCEROL
5 water water
#
_entity_poly.entity_id   1
_entity_poly.type   'polypeptide(L)'
_entity_poly.pdbx_seq_one_letter_code
;MPGSLIDTRQQPLSVGIVGGGIIGVILAAGLVRRGIDVKVFEQARGFREIGAGMAFTANAVRCMEMLDPAIVWALRSSGA
VPISIGDHQAEARDYLRWVDGYHESSKRLYQLDAGIRGFEACRRDQFLEALVKVLPEGIVECQKRLQKIHEKNETEKVTL
EFADGTFAHVDCVIGADGIRSRVRQHLFGEDSPYSHPHYSHKFAFQGLITMENAISALGEDKARTLNMHVGPNAHLIHYP
VANETMVNIAAFVSDPEEWPDKLSLVGPATREEAMGYFANWNPGLRAVLGFMPENIDRWAMFDTYDYPAPFFSRGKICLV
GDAAHAAVPHHGAGACIGIEDALCATVLLAEVFVSTRGKSSIVRNRAIAAAFGSFNAVRRVRAQWFVDSSRRVCDLYQQP
EWADPQKRIKAENCFEEIKDRSHKIWHFDYNSMLQEAIEKYRHNMGS
;
_entity_poly.pdbx_strand_id   A,B
#
loop_
_chem_comp.id
_chem_comp.type
_chem_comp.name
_chem_comp.formula
CL non-polymer 'CHLORIDE ION' 'Cl -1'
FAD non-polymer 'FLAVIN-ADENINE DINUCLEOTIDE' 'C27 H33 N9 O15 P2'
GOL non-polymer GLYCEROL 'C3 H8 O3'
#
# COMPACT_ATOMS: atom_id res chain seq x y z
N GLN A 11 -12.56 18.04 -12.29
CA GLN A 11 -11.42 18.94 -12.49
C GLN A 11 -10.09 18.32 -11.97
N PRO A 12 -9.32 17.67 -12.84
CA PRO A 12 -8.22 16.83 -12.36
C PRO A 12 -6.93 17.60 -12.11
N LEU A 13 -6.02 16.94 -11.42
CA LEU A 13 -4.85 17.57 -10.83
C LEU A 13 -3.62 17.24 -11.68
N SER A 14 -2.96 18.25 -12.24
CA SER A 14 -1.85 17.98 -13.14
C SER A 14 -0.53 18.27 -12.44
N VAL A 15 0.37 17.32 -12.51
CA VAL A 15 1.68 17.44 -11.91
C VAL A 15 2.68 17.33 -13.04
N GLY A 16 3.61 18.28 -13.08
CA GLY A 16 4.76 18.17 -13.93
C GLY A 16 5.96 17.73 -13.12
N ILE A 17 6.46 16.54 -13.43
CA ILE A 17 7.69 16.00 -12.85
C ILE A 17 8.85 16.27 -13.79
N VAL A 18 9.86 17.00 -13.30
CA VAL A 18 11.06 17.31 -14.08
C VAL A 18 12.12 16.29 -13.68
N GLY A 19 12.47 15.42 -14.62
CA GLY A 19 13.40 14.33 -14.40
C GLY A 19 12.74 12.96 -14.40
N GLY A 20 13.09 12.14 -15.39
CA GLY A 20 12.69 10.74 -15.44
C GLY A 20 13.72 9.73 -14.95
N GLY A 21 14.31 9.97 -13.80
CA GLY A 21 15.13 8.95 -13.15
C GLY A 21 14.29 7.99 -12.35
N ILE A 22 14.97 7.17 -11.54
CA ILE A 22 14.29 6.24 -10.63
C ILE A 22 13.20 6.96 -9.83
N ILE A 23 13.55 8.08 -9.17
CA ILE A 23 12.61 8.75 -8.27
C ILE A 23 11.45 9.40 -9.05
N GLY A 24 11.74 10.15 -10.09
CA GLY A 24 10.66 10.80 -10.79
C GLY A 24 9.69 9.80 -11.39
N VAL A 25 10.19 8.65 -11.84
CA VAL A 25 9.35 7.62 -12.44
C VAL A 25 8.55 6.88 -11.35
N ILE A 26 9.20 6.52 -10.22
CA ILE A 26 8.48 5.89 -9.13
C ILE A 26 7.34 6.78 -8.63
N LEU A 27 7.63 8.07 -8.47
CA LEU A 27 6.60 9.04 -8.12
C LEU A 27 5.50 9.12 -9.18
N ALA A 28 5.86 9.14 -10.47
CA ALA A 28 4.82 9.19 -11.49
C ALA A 28 3.89 7.99 -11.35
N ALA A 29 4.47 6.81 -11.12
CA ALA A 29 3.69 5.59 -11.00
C ALA A 29 2.69 5.71 -9.88
N GLY A 30 3.11 6.28 -8.75
CA GLY A 30 2.21 6.41 -7.62
C GLY A 30 1.11 7.44 -7.84
N LEU A 31 1.43 8.57 -8.48
CA LEU A 31 0.38 9.52 -8.78
C LEU A 31 -0.60 8.97 -9.82
N VAL A 32 -0.15 8.23 -10.81
CA VAL A 32 -1.10 7.89 -11.87
C VAL A 32 -2.05 6.78 -11.40
N ARG A 33 -1.52 5.80 -10.62
CA ARG A 33 -2.44 4.79 -10.12
C ARG A 33 -3.54 5.37 -9.22
N ARG A 34 -3.40 6.63 -8.77
CA ARG A 34 -4.41 7.33 -7.98
C ARG A 34 -5.23 8.33 -8.80
N GLY A 35 -5.01 8.38 -10.11
CA GLY A 35 -5.88 9.16 -10.96
C GLY A 35 -5.48 10.60 -11.19
N ILE A 36 -4.24 10.95 -10.88
CA ILE A 36 -3.73 12.30 -11.04
C ILE A 36 -3.05 12.41 -12.39
N ASP A 37 -3.22 13.54 -13.08
CA ASP A 37 -2.63 13.70 -14.41
CA ASP A 37 -2.63 13.70 -14.41
C ASP A 37 -1.16 14.09 -14.26
N VAL A 38 -0.27 13.24 -14.76
CA VAL A 38 1.15 13.41 -14.61
C VAL A 38 1.81 13.47 -15.98
N LYS A 39 2.82 14.32 -16.10
CA LYS A 39 3.79 14.27 -17.19
C LYS A 39 5.19 14.30 -16.57
N VAL A 40 6.10 13.45 -17.11
CA VAL A 40 7.51 13.46 -16.75
C VAL A 40 8.31 14.06 -17.90
N PHE A 41 9.06 15.12 -17.62
CA PHE A 41 9.91 15.76 -18.61
C PHE A 41 11.35 15.35 -18.38
N GLU A 42 11.91 14.58 -19.32
CA GLU A 42 13.25 14.01 -19.20
C GLU A 42 14.20 14.60 -20.27
N GLN A 43 15.36 15.12 -19.85
CA GLN A 43 16.26 15.79 -20.78
C GLN A 43 16.90 14.83 -21.78
N ALA A 44 17.26 13.61 -21.35
CA ALA A 44 17.88 12.62 -22.24
C ALA A 44 16.88 12.12 -23.29
N ARG A 45 17.38 11.31 -24.22
CA ARG A 45 16.52 10.71 -25.24
C ARG A 45 16.37 9.19 -25.09
N GLY A 46 16.97 8.61 -24.06
CA GLY A 46 16.71 7.23 -23.69
C GLY A 46 17.37 6.95 -22.37
N PHE A 47 17.59 5.68 -22.08
CA PHE A 47 17.99 5.31 -20.72
C PHE A 47 19.47 5.59 -20.45
N ARG A 48 19.83 5.50 -19.15
CA ARG A 48 21.18 5.73 -18.67
C ARG A 48 21.45 4.95 -17.37
N GLU A 49 22.72 4.99 -16.95
CA GLU A 49 23.26 4.23 -15.80
C GLU A 49 23.35 2.75 -16.17
N ILE A 50 23.70 2.52 -17.42
CA ILE A 50 23.51 1.22 -18.04
C ILE A 50 24.53 0.21 -17.53
N GLY A 51 24.14 -0.47 -16.45
CA GLY A 51 24.72 -1.76 -16.11
C GLY A 51 24.92 -1.96 -14.63
N ALA A 52 24.73 -0.91 -13.87
CA ALA A 52 25.14 -0.89 -12.47
C ALA A 52 24.14 -1.55 -11.51
N GLY A 53 24.68 -2.07 -10.43
CA GLY A 53 23.88 -2.54 -9.38
C GLY A 53 23.39 -1.41 -8.49
N MET A 54 22.21 -1.68 -7.90
CA MET A 54 21.53 -0.84 -6.92
C MET A 54 20.87 -1.78 -5.92
N ALA A 55 20.67 -1.32 -4.68
CA ALA A 55 19.97 -2.14 -3.70
C ALA A 55 19.02 -1.36 -2.80
N PHE A 56 17.91 -1.96 -2.48
CA PHE A 56 16.88 -1.30 -1.71
C PHE A 56 16.64 -2.00 -0.38
N THR A 57 16.52 -1.23 0.70
CA THR A 57 16.17 -1.80 2.00
C THR A 57 14.79 -2.45 1.89
N ALA A 58 14.51 -3.45 2.75
CA ALA A 58 13.15 -4.01 2.79
C ALA A 58 12.13 -2.92 3.07
N ASN A 59 12.52 -1.90 3.83
CA ASN A 59 11.65 -0.76 4.10
C ASN A 59 11.29 -0.04 2.80
N ALA A 60 12.30 0.24 1.95
CA ALA A 60 12.05 1.02 0.74
C ALA A 60 11.14 0.21 -0.17
N VAL A 61 11.28 -1.11 -0.13
CA VAL A 61 10.47 -1.97 -0.95
C VAL A 61 9.00 -1.91 -0.57
N ARG A 62 8.71 -1.81 0.75
CA ARG A 62 7.35 -1.62 1.22
C ARG A 62 6.81 -0.26 0.85
N CYS A 63 7.67 0.76 0.89
CA CYS A 63 7.26 2.08 0.40
C CYS A 63 6.92 1.99 -1.09
N MET A 64 7.73 1.27 -1.87
CA MET A 64 7.40 1.07 -3.27
C MET A 64 6.03 0.43 -3.41
N GLU A 65 5.74 -0.57 -2.55
CA GLU A 65 4.51 -1.34 -2.71
C GLU A 65 3.30 -0.46 -2.45
N MET A 66 3.35 0.40 -1.42
CA MET A 66 2.28 1.36 -1.18
CA MET A 66 2.26 1.33 -1.20
C MET A 66 2.11 2.31 -2.38
N LEU A 67 3.19 2.58 -3.12
CA LEU A 67 3.05 3.54 -4.24
C LEU A 67 2.24 2.91 -5.38
N ASP A 68 2.53 1.67 -5.70
CA ASP A 68 1.88 0.84 -6.69
C ASP A 68 2.60 -0.51 -6.58
N PRO A 69 1.90 -1.61 -6.25
CA PRO A 69 2.60 -2.90 -6.10
C PRO A 69 3.34 -3.34 -7.33
N ALA A 70 2.97 -2.79 -8.48
CA ALA A 70 3.62 -3.12 -9.74
C ALA A 70 5.07 -2.66 -9.77
N ILE A 71 5.41 -1.61 -9.00
CA ILE A 71 6.79 -1.19 -8.90
C ILE A 71 7.64 -2.31 -8.36
N VAL A 72 7.06 -3.13 -7.48
CA VAL A 72 7.83 -4.18 -6.83
C VAL A 72 7.95 -5.38 -7.76
N TRP A 73 6.91 -5.64 -8.53
CA TRP A 73 7.07 -6.64 -9.58
C TRP A 73 8.18 -6.21 -10.54
N ALA A 74 8.26 -4.91 -10.84
CA ALA A 74 9.30 -4.44 -11.76
C ALA A 74 10.69 -4.66 -11.16
N LEU A 75 10.89 -4.28 -9.90
CA LEU A 75 12.18 -4.51 -9.24
C LEU A 75 12.57 -6.00 -9.27
N ARG A 76 11.63 -6.90 -9.03
CA ARG A 76 11.98 -8.32 -8.99
C ARG A 76 12.16 -8.90 -10.38
N SER A 77 11.44 -8.38 -11.37
CA SER A 77 11.70 -8.76 -12.75
C SER A 77 13.12 -8.46 -13.19
N SER A 78 13.82 -7.55 -12.49
CA SER A 78 15.07 -6.96 -12.94
C SER A 78 16.28 -7.40 -12.09
N GLY A 79 16.12 -8.48 -11.31
CA GLY A 79 17.14 -8.89 -10.38
C GLY A 79 17.59 -10.30 -10.64
N ALA A 80 18.00 -11.01 -9.58
CA ALA A 80 18.61 -12.32 -9.72
C ALA A 80 17.67 -13.45 -9.28
N ASP A 87 17.13 -23.98 -5.81
CA ASP A 87 18.34 -24.67 -5.37
C ASP A 87 18.12 -25.48 -4.07
N HIS A 88 16.96 -25.27 -3.42
CA HIS A 88 16.55 -25.92 -2.15
C HIS A 88 17.35 -25.45 -0.93
N GLN A 89 17.19 -26.12 0.21
CA GLN A 89 17.68 -25.59 1.49
C GLN A 89 16.92 -24.29 1.77
N ALA A 90 17.40 -23.49 2.72
CA ALA A 90 16.58 -22.44 3.33
C ALA A 90 16.70 -21.11 2.57
N GLU A 91 16.17 -20.03 3.16
CA GLU A 91 16.22 -18.70 2.56
C GLU A 91 17.39 -17.92 3.12
N ALA A 92 18.14 -17.24 2.24
CA ALA A 92 19.37 -16.57 2.66
C ALA A 92 19.05 -15.30 3.44
N ARG A 93 19.96 -14.96 4.34
CA ARG A 93 19.91 -13.70 5.05
C ARG A 93 21.00 -12.79 4.49
N ASP A 94 20.80 -11.49 4.68
CA ASP A 94 21.61 -10.44 4.05
C ASP A 94 22.50 -9.83 5.12
N TYR A 95 23.81 -9.91 4.92
CA TYR A 95 24.76 -9.42 5.91
C TYR A 95 25.67 -8.35 5.32
N LEU A 96 25.69 -7.19 5.96
CA LEU A 96 26.83 -6.28 5.85
C LEU A 96 28.02 -6.82 6.64
N ARG A 97 29.21 -6.79 6.02
CA ARG A 97 30.42 -7.23 6.70
C ARG A 97 31.52 -6.21 6.57
N TRP A 98 32.25 -6.01 7.67
CA TRP A 98 33.45 -5.19 7.69
C TRP A 98 34.68 -6.02 8.05
N VAL A 99 35.79 -5.75 7.36
CA VAL A 99 37.04 -6.49 7.47
C VAL A 99 38.17 -5.48 7.60
N ASP A 100 39.23 -5.87 8.33
CA ASP A 100 40.40 -5.03 8.51
C ASP A 100 41.23 -5.08 7.24
N GLY A 101 41.41 -3.92 6.61
CA GLY A 101 42.07 -3.89 5.32
C GLY A 101 43.50 -3.37 5.37
N TYR A 102 43.90 -2.78 6.48
CA TYR A 102 45.25 -2.24 6.59
C TYR A 102 46.26 -3.30 7.01
N HIS A 103 46.06 -3.89 8.19
CA HIS A 103 46.97 -4.84 8.81
C HIS A 103 46.92 -6.20 8.14
N GLU A 104 47.96 -7.00 8.39
CA GLU A 104 48.10 -8.30 7.75
C GLU A 104 47.14 -9.33 8.34
N SER A 105 46.77 -9.15 9.60
CA SER A 105 45.71 -9.94 10.24
C SER A 105 44.49 -10.13 9.36
N SER A 106 44.11 -9.08 8.61
CA SER A 106 42.82 -8.94 7.91
C SER A 106 41.68 -9.67 8.62
N LYS A 107 41.47 -9.31 9.89
CA LYS A 107 40.47 -9.95 10.74
C LYS A 107 39.08 -9.39 10.49
N ARG A 108 38.09 -10.28 10.40
CA ARG A 108 36.70 -9.86 10.45
C ARG A 108 36.45 -9.00 11.68
N LEU A 109 35.90 -7.79 11.46
CA LEU A 109 35.70 -6.82 12.53
C LEU A 109 34.28 -6.78 13.07
N TYR A 110 33.29 -6.70 12.19
CA TYR A 110 31.90 -6.57 12.61
C TYR A 110 31.01 -7.15 11.54
N GLN A 111 29.78 -7.47 11.92
CA GLN A 111 28.78 -7.83 10.92
C GLN A 111 27.39 -7.47 11.42
N LEU A 112 26.53 -7.13 10.46
CA LEU A 112 25.17 -6.70 10.73
C LEU A 112 24.22 -7.57 9.92
N ASP A 113 23.21 -8.12 10.60
CA ASP A 113 22.16 -8.88 9.96
C ASP A 113 21.05 -7.90 9.61
N ALA A 114 20.66 -7.89 8.33
CA ALA A 114 19.50 -7.12 7.85
C ALA A 114 18.27 -8.01 7.59
N GLY A 115 18.43 -9.33 7.57
CA GLY A 115 17.33 -10.25 7.62
C GLY A 115 17.08 -10.88 6.27
N ILE A 116 16.04 -11.72 6.23
CA ILE A 116 15.60 -12.26 4.95
C ILE A 116 15.13 -11.07 4.11
N ARG A 117 15.59 -11.02 2.85
CA ARG A 117 15.24 -9.94 1.93
C ARG A 117 15.39 -8.55 2.58
N GLY A 118 16.35 -8.44 3.52
CA GLY A 118 16.64 -7.15 4.13
C GLY A 118 17.13 -6.13 3.11
N PHE A 119 17.74 -6.61 2.04
CA PHE A 119 18.06 -5.81 0.87
C PHE A 119 17.60 -6.58 -0.35
N GLU A 120 17.18 -5.85 -1.36
CA GLU A 120 16.76 -6.43 -2.63
C GLU A 120 17.46 -5.65 -3.73
N ALA A 121 18.08 -6.36 -4.64
CA ALA A 121 19.01 -5.75 -5.56
C ALA A 121 18.52 -5.89 -6.99
N CYS A 122 19.02 -5.01 -7.85
CA CYS A 122 18.59 -5.03 -9.24
C CYS A 122 19.63 -4.30 -10.08
N ARG A 123 19.49 -4.48 -11.40
CA ARG A 123 20.18 -3.65 -12.37
C ARG A 123 19.43 -2.35 -12.58
N ARG A 124 20.11 -1.21 -12.36
CA ARG A 124 19.46 0.09 -12.46
C ARG A 124 18.72 0.26 -13.80
N ASP A 125 19.43 0.06 -14.90
CA ASP A 125 18.87 0.55 -16.16
C ASP A 125 17.69 -0.30 -16.57
N GLN A 126 17.75 -1.58 -16.24
CA GLN A 126 16.72 -2.57 -16.48
C GLN A 126 15.54 -2.43 -15.50
N PHE A 127 15.80 -2.00 -14.26
CA PHE A 127 14.70 -1.63 -13.37
C PHE A 127 13.96 -0.42 -13.91
N LEU A 128 14.69 0.58 -14.39
CA LEU A 128 14.05 1.83 -14.83
C LEU A 128 13.25 1.59 -16.12
N GLU A 129 13.75 0.74 -17.01
CA GLU A 129 13.00 0.32 -18.19
C GLU A 129 11.74 -0.44 -17.80
N ALA A 130 11.84 -1.37 -16.84
CA ALA A 130 10.62 -2.03 -16.36
C ALA A 130 9.64 -1.02 -15.78
N LEU A 131 10.16 -0.01 -15.07
CA LEU A 131 9.26 0.97 -14.46
C LEU A 131 8.51 1.74 -15.53
N VAL A 132 9.22 2.17 -16.59
CA VAL A 132 8.59 2.97 -17.65
C VAL A 132 7.52 2.16 -18.37
N LYS A 133 7.70 0.84 -18.52
CA LYS A 133 6.63 0.02 -19.09
C LYS A 133 5.39 -0.08 -18.20
N VAL A 134 5.51 0.17 -16.90
CA VAL A 134 4.36 0.14 -16.01
C VAL A 134 3.48 1.37 -16.18
N LEU A 135 4.08 2.50 -16.53
CA LEU A 135 3.31 3.73 -16.69
C LEU A 135 2.51 3.64 -17.99
N PRO A 136 1.34 4.26 -18.03
CA PRO A 136 0.65 4.43 -19.32
C PRO A 136 1.58 4.93 -20.42
N GLU A 137 1.23 4.73 -21.69
CA GLU A 137 1.93 5.44 -22.74
C GLU A 137 1.65 6.93 -22.62
N GLY A 138 2.65 7.73 -23.02
CA GLY A 138 2.51 9.18 -23.04
C GLY A 138 2.84 9.91 -21.75
N ILE A 139 3.22 9.22 -20.66
CA ILE A 139 3.56 9.93 -19.44
C ILE A 139 4.94 10.58 -19.58
N VAL A 140 5.91 9.85 -20.11
CA VAL A 140 7.27 10.34 -20.22
C VAL A 140 7.50 11.01 -21.57
N GLU A 141 7.92 12.27 -21.53
CA GLU A 141 8.33 13.04 -22.70
C GLU A 141 9.85 13.18 -22.67
N CYS A 142 10.51 12.58 -23.65
CA CYS A 142 11.96 12.70 -23.74
C CYS A 142 12.37 13.93 -24.55
N GLN A 143 13.63 14.34 -24.35
CA GLN A 143 14.21 15.51 -24.99
C GLN A 143 13.49 16.79 -24.58
N LYS A 144 13.09 16.84 -23.31
CA LYS A 144 12.55 18.03 -22.64
C LYS A 144 13.54 18.38 -21.51
N ARG A 145 14.44 19.31 -21.80
CA ARG A 145 15.40 19.78 -20.79
C ARG A 145 14.83 21.09 -20.24
N LEU A 146 14.33 21.05 -19.02
CA LEU A 146 13.84 22.27 -18.39
C LEU A 146 14.94 23.30 -18.33
N GLN A 147 14.65 24.50 -18.85
CA GLN A 147 15.54 25.65 -18.69
C GLN A 147 15.03 26.73 -17.77
N LYS A 148 13.75 27.05 -17.79
CA LYS A 148 13.26 28.14 -16.95
C LYS A 148 11.89 27.76 -16.41
N ILE A 149 11.64 28.17 -15.17
CA ILE A 149 10.33 28.00 -14.55
C ILE A 149 9.75 29.39 -14.42
N HIS A 150 8.48 29.53 -14.79
CA HIS A 150 7.74 30.78 -14.65
C HIS A 150 6.57 30.60 -13.69
N GLU A 151 6.67 31.30 -12.56
CA GLU A 151 5.67 31.31 -11.54
C GLU A 151 4.84 32.57 -11.67
N LYS A 152 3.54 32.40 -11.91
CA LYS A 152 2.57 33.49 -11.76
C LYS A 152 1.91 33.35 -10.38
N ASN A 153 0.65 33.75 -10.27
CA ASN A 153 -0.04 33.72 -8.98
C ASN A 153 -0.52 32.32 -8.61
N GLU A 154 -0.61 32.07 -7.29
CA GLU A 154 -0.98 30.75 -6.78
C GLU A 154 -2.22 30.18 -7.42
N THR A 155 -3.18 31.02 -7.84
CA THR A 155 -4.37 30.51 -8.53
C THR A 155 -4.12 30.22 -10.01
N GLU A 156 -2.98 30.59 -10.53
CA GLU A 156 -2.61 30.32 -11.91
C GLU A 156 -1.61 29.20 -11.99
N LYS A 157 -1.48 28.64 -13.17
CA LYS A 157 -0.58 27.52 -13.39
C LYS A 157 0.89 27.98 -13.44
N VAL A 158 1.77 26.99 -13.39
CA VAL A 158 3.21 27.18 -13.40
C VAL A 158 3.69 26.78 -14.78
N THR A 159 4.51 27.61 -15.39
CA THR A 159 4.95 27.35 -16.74
C THR A 159 6.39 26.87 -16.79
N LEU A 160 6.60 25.75 -17.45
CA LEU A 160 7.90 25.15 -17.65
C LEU A 160 8.37 25.44 -19.08
N GLU A 161 9.55 26.02 -19.18
CA GLU A 161 10.12 26.40 -20.46
C GLU A 161 11.27 25.45 -20.75
N PHE A 162 11.14 24.71 -21.83
CA PHE A 162 12.15 23.73 -22.22
C PHE A 162 13.08 24.30 -23.28
N ALA A 163 14.29 23.73 -23.32
CA ALA A 163 15.33 24.16 -24.24
C ALA A 163 14.97 24.03 -25.71
N ASP A 164 13.92 23.27 -26.07
CA ASP A 164 13.50 23.15 -27.47
C ASP A 164 12.45 24.18 -27.88
N GLY A 165 12.15 25.15 -26.98
CA GLY A 165 11.22 26.23 -27.26
C GLY A 165 9.76 25.94 -26.96
N THR A 166 9.45 24.73 -26.53
CA THR A 166 8.09 24.40 -26.15
C THR A 166 7.90 24.79 -24.70
N PHE A 167 6.67 25.14 -24.36
CA PHE A 167 6.28 25.34 -22.99
C PHE A 167 5.31 24.24 -22.55
N ALA A 168 5.10 24.19 -21.24
CA ALA A 168 4.12 23.29 -20.65
C ALA A 168 3.57 23.97 -19.41
N HIS A 169 2.29 23.70 -19.12
CA HIS A 169 1.57 24.34 -18.02
C HIS A 169 1.01 23.27 -17.09
N VAL A 170 1.27 23.40 -15.79
CA VAL A 170 0.87 22.39 -14.81
C VAL A 170 0.43 23.08 -13.53
N ASP A 171 -0.50 22.45 -12.82
CA ASP A 171 -0.92 23.03 -11.54
C ASP A 171 0.23 23.07 -10.55
N CYS A 172 1.11 22.07 -10.57
CA CYS A 172 2.25 22.09 -9.64
C CYS A 172 3.45 21.41 -10.30
N VAL A 173 4.62 21.64 -9.73
CA VAL A 173 5.87 21.17 -10.34
C VAL A 173 6.65 20.38 -9.28
N ILE A 174 7.31 19.31 -9.70
CA ILE A 174 8.18 18.58 -8.81
C ILE A 174 9.55 18.42 -9.44
N GLY A 175 10.58 18.91 -8.74
CA GLY A 175 11.95 18.63 -9.08
C GLY A 175 12.45 17.24 -8.71
N ALA A 176 12.52 16.37 -9.70
CA ALA A 176 13.13 15.05 -9.54
C ALA A 176 14.33 14.93 -10.47
N ASP A 177 15.12 15.99 -10.58
CA ASP A 177 16.07 16.11 -11.69
C ASP A 177 17.53 15.99 -11.23
N GLY A 178 17.75 15.40 -10.07
CA GLY A 178 19.06 14.89 -9.75
C GLY A 178 19.91 15.89 -9.01
N ILE A 179 21.16 15.47 -8.79
CA ILE A 179 22.12 16.26 -8.01
C ILE A 179 22.36 17.64 -8.62
N ARG A 180 22.28 17.77 -9.94
CA ARG A 180 22.48 19.06 -10.59
C ARG A 180 21.14 19.69 -11.00
N SER A 181 20.14 19.51 -10.14
CA SER A 181 18.76 19.85 -10.46
C SER A 181 18.65 21.28 -10.92
N ARG A 182 17.88 21.49 -12.02
CA ARG A 182 17.52 22.84 -12.43
C ARG A 182 16.36 23.41 -11.60
N VAL A 183 15.46 22.57 -11.09
CA VAL A 183 14.42 23.09 -10.21
C VAL A 183 15.05 23.70 -8.95
N ARG A 184 16.06 23.02 -8.38
CA ARG A 184 16.79 23.60 -7.24
C ARG A 184 17.37 24.97 -7.58
N GLN A 185 18.02 25.10 -8.75
CA GLN A 185 18.60 26.41 -9.12
C GLN A 185 17.53 27.49 -9.22
N HIS A 186 16.34 27.14 -9.73
CA HIS A 186 15.25 28.11 -9.79
C HIS A 186 14.86 28.56 -8.39
N LEU A 187 14.74 27.62 -7.45
CA LEU A 187 14.27 27.99 -6.12
C LEU A 187 15.26 28.91 -5.40
N PHE A 188 16.56 28.57 -5.43
CA PHE A 188 17.54 29.33 -4.64
C PHE A 188 18.41 30.27 -5.48
N GLY A 189 18.23 30.28 -6.81
CA GLY A 189 18.96 31.20 -7.67
C GLY A 189 20.23 30.61 -8.30
N GLU A 190 20.36 30.75 -9.63
CA GLU A 190 21.43 30.05 -10.32
C GLU A 190 22.82 30.41 -9.78
N ASP A 191 22.94 31.48 -8.98
CA ASP A 191 24.22 31.90 -8.42
C ASP A 191 24.37 31.58 -6.95
N SER A 192 23.51 30.76 -6.37
CA SER A 192 23.67 30.44 -4.96
C SER A 192 24.47 29.14 -4.81
N PRO A 193 25.39 29.05 -3.88
CA PRO A 193 26.01 27.74 -3.62
C PRO A 193 25.01 26.70 -3.13
N TYR A 194 23.97 27.14 -2.42
CA TYR A 194 22.84 26.29 -2.05
C TYR A 194 22.20 25.60 -3.25
N SER A 195 22.32 26.16 -4.45
CA SER A 195 21.76 25.53 -5.64
C SER A 195 22.63 24.47 -6.30
N HIS A 196 23.84 24.25 -5.82
CA HIS A 196 24.73 23.28 -6.46
C HIS A 196 25.32 22.33 -5.43
N PRO A 197 25.61 21.11 -5.84
CA PRO A 197 26.37 20.20 -4.98
C PRO A 197 27.84 20.60 -4.93
N HIS A 198 28.58 20.00 -4.00
CA HIS A 198 30.00 20.30 -3.83
C HIS A 198 30.78 19.05 -3.48
N TYR A 199 32.06 19.11 -3.81
CA TYR A 199 32.98 18.01 -3.59
C TYR A 199 33.02 17.62 -2.12
N SER A 200 33.07 16.33 -1.87
CA SER A 200 33.26 15.78 -0.53
C SER A 200 34.72 15.47 -0.25
N HIS A 201 35.59 15.81 -1.21
CA HIS A 201 37.04 15.62 -1.11
C HIS A 201 37.38 14.13 -0.99
N LYS A 202 36.64 13.31 -1.74
CA LYS A 202 36.90 11.88 -1.88
C LYS A 202 36.45 11.43 -3.27
N PHE A 203 37.04 10.36 -3.78
CA PHE A 203 36.68 9.84 -5.09
C PHE A 203 36.95 8.34 -5.07
N ALA A 204 36.53 7.68 -6.14
CA ALA A 204 36.38 6.23 -6.13
C ALA A 204 36.90 5.62 -7.42
N PHE A 205 37.58 4.50 -7.30
CA PHE A 205 38.01 3.70 -8.44
C PHE A 205 37.09 2.49 -8.51
N GLN A 206 36.58 2.19 -9.70
CA GLN A 206 35.65 1.08 -9.86
C GLN A 206 36.12 0.23 -11.02
N GLY A 207 36.13 -1.08 -10.81
CA GLY A 207 36.49 -2.04 -11.81
C GLY A 207 36.04 -3.41 -11.34
N LEU A 208 36.06 -4.34 -12.27
CA LEU A 208 35.66 -5.70 -12.01
C LEU A 208 36.88 -6.61 -12.04
N ILE A 209 36.72 -7.78 -11.42
CA ILE A 209 37.70 -8.85 -11.48
C ILE A 209 36.93 -10.15 -11.68
N THR A 210 37.64 -11.20 -12.09
CA THR A 210 37.02 -12.51 -12.20
C THR A 210 36.84 -13.10 -10.81
N MET A 211 35.84 -13.97 -10.68
CA MET A 211 35.62 -14.64 -9.40
C MET A 211 36.80 -15.53 -9.06
N GLU A 212 37.44 -16.13 -10.06
CA GLU A 212 38.66 -16.90 -9.82
C GLU A 212 39.75 -16.04 -9.20
N ASN A 213 39.98 -14.84 -9.74
CA ASN A 213 41.00 -13.97 -9.18
C ASN A 213 40.63 -13.48 -7.81
N ALA A 214 39.34 -13.29 -7.53
CA ALA A 214 38.91 -12.79 -6.23
C ALA A 214 39.14 -13.84 -5.14
N ILE A 215 39.06 -15.13 -5.47
CA ILE A 215 39.25 -16.16 -4.45
C ILE A 215 40.73 -16.31 -4.08
N SER A 216 41.61 -16.36 -5.08
CA SER A 216 43.05 -16.25 -4.82
C SER A 216 43.35 -15.14 -3.83
N ALA A 217 42.89 -13.94 -4.14
CA ALA A 217 43.25 -12.78 -3.34
C ALA A 217 42.65 -12.85 -1.93
N LEU A 218 41.40 -13.26 -1.80
CA LEU A 218 40.71 -13.07 -0.53
C LEU A 218 40.35 -14.36 0.19
N GLY A 219 40.30 -15.49 -0.49
CA GLY A 219 39.64 -16.67 0.00
C GLY A 219 38.21 -16.75 -0.50
N GLU A 220 37.70 -17.99 -0.58
CA GLU A 220 36.37 -18.16 -1.14
C GLU A 220 35.29 -17.47 -0.29
N ASP A 221 35.34 -17.63 1.03
CA ASP A 221 34.33 -16.97 1.85
C ASP A 221 34.20 -15.48 1.48
N LYS A 222 35.29 -14.73 1.65
CA LYS A 222 35.26 -13.27 1.46
C LYS A 222 34.88 -12.89 0.02
N ALA A 223 35.24 -13.72 -0.97
CA ALA A 223 35.03 -13.32 -2.35
C ALA A 223 33.58 -13.40 -2.79
N ARG A 224 32.75 -14.19 -2.09
CA ARG A 224 31.37 -14.40 -2.49
C ARG A 224 30.39 -13.63 -1.63
N THR A 225 30.85 -12.57 -0.95
CA THR A 225 30.01 -11.78 -0.07
C THR A 225 30.42 -10.31 -0.13
N LEU A 226 29.48 -9.43 0.23
CA LEU A 226 29.76 -8.01 0.36
C LEU A 226 30.60 -7.70 1.60
N ASN A 227 31.78 -7.11 1.38
CA ASN A 227 32.67 -6.71 2.46
C ASN A 227 33.26 -5.33 2.23
N MET A 228 33.33 -4.57 3.30
CA MET A 228 33.99 -3.27 3.33
CA MET A 228 33.98 -3.27 3.33
C MET A 228 35.28 -3.42 4.10
N HIS A 229 36.41 -3.14 3.47
CA HIS A 229 37.72 -3.21 4.10
C HIS A 229 38.10 -1.82 4.59
N VAL A 230 38.23 -1.67 5.90
CA VAL A 230 38.45 -0.34 6.47
C VAL A 230 39.94 -0.06 6.61
N GLY A 231 40.28 1.18 6.88
CA GLY A 231 41.66 1.58 6.93
C GLY A 231 41.78 3.08 7.03
N PRO A 232 43.03 3.54 7.07
CA PRO A 232 43.31 4.98 7.23
C PRO A 232 43.10 5.75 5.92
N ASN A 233 42.17 6.71 5.95
CA ASN A 233 41.90 7.66 4.88
C ASN A 233 41.43 7.01 3.58
N ALA A 234 41.05 5.74 3.59
CA ALA A 234 40.56 5.06 2.41
C ALA A 234 39.82 3.81 2.86
N HIS A 235 39.00 3.28 1.97
CA HIS A 235 38.31 2.03 2.22
C HIS A 235 37.87 1.45 0.88
N LEU A 236 37.66 0.14 0.90
CA LEU A 236 37.38 -0.60 -0.33
C LEU A 236 36.25 -1.57 -0.06
N ILE A 237 35.29 -1.59 -0.99
CA ILE A 237 34.14 -2.49 -0.92
C ILE A 237 34.12 -3.34 -2.16
N HIS A 238 33.73 -4.59 -1.99
CA HIS A 238 33.48 -5.49 -3.10
C HIS A 238 32.27 -6.40 -2.80
N TYR A 239 31.66 -6.93 -3.86
CA TYR A 239 30.57 -7.88 -3.79
C TYR A 239 30.47 -8.59 -5.13
N PRO A 240 29.90 -9.80 -5.16
CA PRO A 240 29.83 -10.52 -6.45
C PRO A 240 28.78 -9.92 -7.38
N VAL A 241 28.92 -10.29 -8.66
CA VAL A 241 28.08 -9.78 -9.74
C VAL A 241 27.98 -10.87 -10.80
N ALA A 242 26.96 -10.76 -11.66
CA ALA A 242 26.82 -11.63 -12.83
C ALA A 242 26.81 -13.10 -12.43
N ASN A 243 25.93 -13.45 -11.51
CA ASN A 243 25.81 -14.83 -11.08
C ASN A 243 27.11 -15.32 -10.47
N GLU A 244 27.74 -14.45 -9.71
CA GLU A 244 28.96 -14.77 -8.96
C GLU A 244 30.12 -15.16 -9.87
N THR A 245 30.12 -14.72 -11.13
CA THR A 245 31.24 -14.99 -12.02
C THR A 245 32.31 -13.90 -11.97
N MET A 246 31.97 -12.73 -11.42
CA MET A 246 32.91 -11.63 -11.27
C MET A 246 32.63 -10.97 -9.93
N VAL A 247 33.50 -10.04 -9.57
CA VAL A 247 33.36 -9.27 -8.33
C VAL A 247 33.58 -7.82 -8.71
N ASN A 248 32.74 -6.93 -8.20
CA ASN A 248 32.93 -5.50 -8.41
C ASN A 248 33.80 -4.95 -7.29
N ILE A 249 34.79 -4.12 -7.66
CA ILE A 249 35.60 -3.37 -6.69
C ILE A 249 35.23 -1.89 -6.76
N ALA A 250 34.91 -1.31 -5.63
CA ALA A 250 34.84 0.13 -5.49
C ALA A 250 35.78 0.54 -4.37
N ALA A 251 36.69 1.48 -4.64
CA ALA A 251 37.72 1.83 -3.69
C ALA A 251 37.70 3.33 -3.51
N PHE A 252 37.61 3.78 -2.27
CA PHE A 252 37.40 5.19 -2.00
C PHE A 252 38.63 5.77 -1.32
N VAL A 253 39.09 6.93 -1.82
CA VAL A 253 40.34 7.52 -1.38
C VAL A 253 40.12 9.02 -1.12
N SER A 254 41.03 9.60 -0.34
CA SER A 254 40.93 11.00 0.01
C SER A 254 41.64 11.86 -1.01
N ASP A 255 41.07 13.03 -1.30
CA ASP A 255 41.61 14.01 -2.22
C ASP A 255 41.74 15.33 -1.47
N PRO A 256 42.95 15.89 -1.32
CA PRO A 256 43.07 17.21 -0.71
C PRO A 256 42.69 18.41 -1.60
N GLU A 257 42.90 18.33 -2.91
CA GLU A 257 42.67 19.52 -3.70
C GLU A 257 41.22 19.57 -4.21
N GLU A 258 40.82 20.78 -4.61
CA GLU A 258 39.49 20.96 -5.17
C GLU A 258 39.33 20.06 -6.39
N TRP A 259 38.11 19.59 -6.59
CA TRP A 259 37.81 18.90 -7.82
C TRP A 259 37.78 19.99 -8.88
N PRO A 260 38.63 19.91 -9.90
CA PRO A 260 38.72 21.03 -10.87
C PRO A 260 37.34 21.44 -11.37
N ASP A 261 37.05 22.75 -11.27
CA ASP A 261 35.76 23.26 -11.66
C ASP A 261 35.57 23.18 -13.17
N LYS A 262 34.35 22.80 -13.59
CA LYS A 262 34.02 22.53 -14.98
C LYS A 262 34.66 21.22 -15.46
N LEU A 263 35.17 20.40 -14.57
CA LEU A 263 35.83 19.15 -14.94
C LEU A 263 34.86 18.01 -14.63
N SER A 264 34.83 17.03 -15.52
CA SER A 264 33.81 16.01 -15.44
C SER A 264 34.00 15.13 -14.22
N LEU A 265 32.89 14.76 -13.58
CA LEU A 265 32.88 13.93 -12.39
C LEU A 265 33.12 12.44 -12.66
N VAL A 266 33.22 12.01 -13.92
CA VAL A 266 33.83 10.74 -14.27
C VAL A 266 35.02 11.04 -15.22
N GLY A 267 35.86 10.02 -15.43
CA GLY A 267 37.08 10.16 -16.18
C GLY A 267 37.93 8.92 -16.02
N PRO A 268 38.72 8.57 -17.03
CA PRO A 268 39.46 7.30 -16.97
C PRO A 268 40.61 7.39 -15.98
N ALA A 269 41.14 6.22 -15.63
CA ALA A 269 42.16 6.06 -14.62
C ALA A 269 42.77 4.69 -14.85
N THR A 270 43.81 4.40 -14.11
CA THR A 270 44.62 3.23 -14.35
C THR A 270 44.63 2.40 -13.08
N ARG A 271 44.58 1.08 -13.26
CA ARG A 271 44.83 0.14 -12.17
C ARG A 271 45.94 0.60 -11.23
N GLU A 272 47.12 0.97 -11.77
CA GLU A 272 48.27 1.29 -10.94
C GLU A 272 48.06 2.56 -10.11
N GLU A 273 47.29 3.54 -10.61
CA GLU A 273 46.95 4.69 -9.77
C GLU A 273 46.15 4.26 -8.55
N ALA A 274 45.18 3.36 -8.76
CA ALA A 274 44.44 2.79 -7.65
C ALA A 274 45.40 2.17 -6.65
N MET A 275 46.31 1.34 -7.14
CA MET A 275 47.20 0.57 -6.29
C MET A 275 48.08 1.43 -5.42
N GLY A 276 48.47 2.62 -5.91
CA GLY A 276 49.32 3.51 -5.14
C GLY A 276 48.65 4.00 -3.87
N TYR A 277 47.32 4.17 -3.91
CA TYR A 277 46.62 4.62 -2.70
C TYR A 277 46.50 3.52 -1.64
N PHE A 278 46.76 2.24 -1.99
CA PHE A 278 46.61 1.10 -1.07
C PHE A 278 47.92 0.31 -0.91
N ALA A 279 49.06 0.94 -1.16
CA ALA A 279 50.34 0.21 -1.15
C ALA A 279 50.73 -0.28 0.24
N ASN A 280 50.41 0.49 1.29
CA ASN A 280 50.67 0.05 2.66
C ASN A 280 49.61 -0.88 3.23
N TRP A 281 48.59 -1.26 2.48
CA TRP A 281 47.51 -2.08 3.01
C TRP A 281 47.88 -3.56 2.86
N ASN A 282 47.11 -4.42 3.51
CA ASN A 282 47.51 -5.81 3.58
C ASN A 282 47.48 -6.42 2.19
N PRO A 283 48.04 -7.61 2.03
CA PRO A 283 48.32 -8.11 0.68
C PRO A 283 47.14 -8.67 -0.11
N GLY A 284 46.16 -9.28 0.56
CA GLY A 284 45.00 -9.75 -0.17
C GLY A 284 44.27 -8.61 -0.84
N LEU A 285 44.20 -7.47 -0.15
CA LEU A 285 43.53 -6.29 -0.69
C LEU A 285 44.29 -5.72 -1.88
N ARG A 286 45.62 -5.76 -1.83
CA ARG A 286 46.41 -5.25 -2.93
C ARG A 286 46.33 -6.16 -4.13
N ALA A 287 46.37 -7.48 -3.91
CA ALA A 287 46.16 -8.43 -5.00
C ALA A 287 44.85 -8.18 -5.71
N VAL A 288 43.83 -7.72 -4.98
CA VAL A 288 42.52 -7.49 -5.60
C VAL A 288 42.61 -6.30 -6.54
N LEU A 289 43.21 -5.20 -6.09
CA LEU A 289 43.37 -4.05 -6.97
C LEU A 289 44.25 -4.37 -8.17
N GLY A 290 45.22 -5.27 -8.01
CA GLY A 290 46.08 -5.60 -9.14
C GLY A 290 45.41 -6.48 -10.18
N PHE A 291 44.32 -7.16 -9.83
CA PHE A 291 43.63 -8.08 -10.71
C PHE A 291 42.63 -7.36 -11.63
N MET A 292 42.45 -6.06 -11.44
CA MET A 292 41.55 -5.25 -12.24
C MET A 292 42.12 -4.99 -13.64
N PRO A 293 41.27 -4.54 -14.57
CA PRO A 293 41.77 -4.19 -15.90
C PRO A 293 42.70 -2.99 -15.82
N GLU A 294 43.53 -2.83 -16.86
CA GLU A 294 44.49 -1.73 -16.86
C GLU A 294 43.77 -0.39 -16.79
N ASN A 295 42.62 -0.29 -17.45
CA ASN A 295 41.84 0.94 -17.46
C ASN A 295 40.53 0.77 -16.71
N ILE A 296 40.21 1.77 -15.88
CA ILE A 296 39.14 1.70 -14.88
C ILE A 296 38.65 3.13 -14.83
N ASP A 297 37.71 3.44 -13.93
CA ASP A 297 37.10 4.76 -13.89
C ASP A 297 37.26 5.40 -12.52
N ARG A 298 37.30 6.72 -12.52
CA ARG A 298 37.40 7.58 -11.35
C ARG A 298 36.10 8.37 -11.25
N TRP A 299 35.44 8.31 -10.10
CA TRP A 299 34.16 8.97 -9.87
C TRP A 299 34.34 9.89 -8.68
N ALA A 300 34.20 11.18 -8.89
CA ALA A 300 34.15 12.11 -7.77
C ALA A 300 32.83 11.97 -7.01
N MET A 301 32.85 12.25 -5.73
CA MET A 301 31.68 12.09 -4.86
CA MET A 301 31.68 12.09 -4.86
C MET A 301 31.26 13.46 -4.34
N PHE A 302 30.18 13.97 -4.94
CA PHE A 302 29.54 15.23 -4.61
C PHE A 302 28.26 14.99 -3.83
N ASP A 303 27.74 16.06 -3.24
CA ASP A 303 26.54 15.96 -2.41
C ASP A 303 26.11 17.37 -2.02
N THR A 304 25.08 17.43 -1.15
CA THR A 304 24.47 18.66 -0.65
C THR A 304 24.80 18.89 0.82
N TYR A 305 25.94 18.35 1.27
CA TYR A 305 26.34 18.49 2.68
C TYR A 305 26.72 19.92 3.03
N ASP A 306 27.50 20.60 2.18
CA ASP A 306 28.05 21.90 2.59
C ASP A 306 27.02 23.02 2.54
N TYR A 307 26.09 22.97 1.58
CA TYR A 307 25.03 23.97 1.45
C TYR A 307 23.73 23.22 1.28
N PRO A 308 23.19 22.66 2.38
CA PRO A 308 21.89 21.97 2.31
C PRO A 308 20.76 22.94 2.10
N ALA A 309 19.71 22.44 1.48
CA ALA A 309 18.53 23.23 1.16
C ALA A 309 17.96 23.89 2.41
N PRO A 310 17.64 25.18 2.34
CA PRO A 310 16.85 25.80 3.42
C PRO A 310 15.42 25.29 3.45
N PHE A 311 14.89 24.81 2.32
CA PHE A 311 13.53 24.32 2.25
C PHE A 311 13.37 23.45 1.02
N PHE A 312 12.67 22.33 1.18
CA PHE A 312 12.49 21.43 0.05
C PHE A 312 11.40 21.90 -0.90
N SER A 313 10.55 22.84 -0.47
CA SER A 313 9.48 23.34 -1.33
C SER A 313 9.17 24.80 -1.01
N ARG A 314 8.44 25.41 -1.94
CA ARG A 314 7.97 26.80 -1.83
C ARG A 314 6.85 26.98 -2.85
N GLY A 315 5.72 27.43 -2.37
CA GLY A 315 4.58 27.59 -3.27
C GLY A 315 4.13 26.25 -3.83
N LYS A 316 4.00 26.23 -5.17
CA LYS A 316 3.54 25.06 -5.90
C LYS A 316 4.68 24.33 -6.60
N ILE A 317 5.85 24.30 -5.97
CA ILE A 317 7.05 23.66 -6.50
C ILE A 317 7.68 22.87 -5.37
N CYS A 318 8.06 21.61 -5.65
CA CYS A 318 8.64 20.72 -4.66
C CYS A 318 9.85 19.94 -5.19
N LEU A 319 10.86 19.77 -4.34
CA LEU A 319 12.03 18.95 -4.66
C LEU A 319 11.88 17.56 -4.04
N VAL A 320 12.37 16.55 -4.75
CA VAL A 320 12.36 15.17 -4.28
C VAL A 320 13.63 14.50 -4.78
N GLY A 321 14.02 13.45 -4.07
CA GLY A 321 15.18 12.65 -4.39
C GLY A 321 16.46 13.46 -4.31
N ASP A 322 17.44 13.07 -5.16
CA ASP A 322 18.78 13.67 -5.14
C ASP A 322 18.74 15.19 -5.36
N ALA A 323 17.72 15.67 -6.06
CA ALA A 323 17.51 17.10 -6.23
C ALA A 323 17.35 17.78 -4.91
N ALA A 324 16.63 17.12 -3.97
CA ALA A 324 16.48 17.71 -2.64
C ALA A 324 17.69 17.42 -1.75
N HIS A 325 18.33 16.26 -1.88
CA HIS A 325 19.28 15.86 -0.87
C HIS A 325 20.31 14.82 -1.29
N ALA A 326 20.89 15.02 -2.47
CA ALA A 326 22.03 14.21 -2.88
C ALA A 326 22.99 13.98 -1.73
N ALA A 327 23.38 12.72 -1.59
CA ALA A 327 24.22 12.17 -0.55
C ALA A 327 25.41 11.51 -1.21
N VAL A 328 26.52 11.40 -0.49
CA VAL A 328 27.56 10.45 -0.87
C VAL A 328 27.02 9.05 -0.57
N PRO A 329 27.55 8.01 -1.16
CA PRO A 329 26.87 6.71 -1.12
C PRO A 329 27.36 5.71 -0.07
N HIS A 330 27.79 6.19 1.06
CA HIS A 330 28.41 5.27 2.02
C HIS A 330 27.41 4.57 2.95
N HIS A 331 26.11 4.80 2.79
CA HIS A 331 25.06 3.96 3.35
C HIS A 331 24.40 3.08 2.31
N GLY A 332 24.56 3.39 1.03
CA GLY A 332 23.91 2.59 -0.01
C GLY A 332 22.41 2.63 0.07
N ALA A 333 21.83 3.79 0.33
CA ALA A 333 20.39 3.90 0.52
C ALA A 333 19.86 5.22 -0.02
N GLY A 334 20.64 5.99 -0.80
CA GLY A 334 20.22 7.32 -1.18
C GLY A 334 18.89 7.32 -1.94
N ALA A 335 18.69 6.30 -2.79
CA ALA A 335 17.43 6.23 -3.54
C ALA A 335 16.26 5.89 -2.61
N CYS A 336 16.49 4.98 -1.63
CA CYS A 336 15.50 4.63 -0.64
C CYS A 336 14.92 5.88 0.02
N ILE A 337 15.79 6.83 0.36
CA ILE A 337 15.37 8.08 0.97
C ILE A 337 14.49 8.84 -0.01
N GLY A 338 14.83 8.78 -1.29
CA GLY A 338 13.99 9.38 -2.30
C GLY A 338 12.68 8.64 -2.51
N ILE A 339 12.65 7.35 -2.17
CA ILE A 339 11.42 6.58 -2.36
C ILE A 339 10.40 6.95 -1.31
N GLU A 340 10.86 7.23 -0.08
CA GLU A 340 10.04 7.83 0.98
C GLU A 340 9.49 9.20 0.57
N ASP A 341 10.36 10.11 0.05
CA ASP A 341 9.84 11.36 -0.47
C ASP A 341 8.67 11.11 -1.41
N ALA A 342 8.84 10.14 -2.33
CA ALA A 342 7.84 9.96 -3.36
C ALA A 342 6.55 9.38 -2.79
N LEU A 343 6.65 8.50 -1.79
CA LEU A 343 5.47 8.06 -1.05
C LEU A 343 4.76 9.23 -0.38
N CYS A 344 5.52 10.05 0.34
CA CYS A 344 4.94 11.16 1.10
C CYS A 344 4.29 12.18 0.17
N ALA A 345 4.95 12.54 -0.92
CA ALA A 345 4.36 13.44 -1.94
C ALA A 345 3.12 12.84 -2.59
N THR A 346 3.19 11.57 -3.01
CA THR A 346 2.02 10.90 -3.60
C THR A 346 0.81 10.87 -2.66
N VAL A 347 1.02 10.58 -1.38
CA VAL A 347 -0.11 10.52 -0.44
C VAL A 347 -0.68 11.91 -0.23
N LEU A 348 0.18 12.92 -0.02
CA LEU A 348 -0.34 14.28 0.16
C LEU A 348 -1.13 14.75 -1.07
N LEU A 349 -0.68 14.44 -2.27
CA LEU A 349 -1.40 14.98 -3.43
C LEU A 349 -2.72 14.25 -3.65
N ALA A 350 -2.83 12.98 -3.28
CA ALA A 350 -4.13 12.33 -3.26
C ALA A 350 -5.05 12.95 -2.22
N GLU A 351 -4.51 13.36 -1.07
CA GLU A 351 -5.37 14.01 -0.08
C GLU A 351 -5.81 15.38 -0.58
N VAL A 352 -4.91 16.16 -1.19
CA VAL A 352 -5.33 17.36 -1.91
C VAL A 352 -6.47 17.03 -2.87
N PHE A 353 -6.32 15.94 -3.64
CA PHE A 353 -7.24 15.61 -4.72
C PHE A 353 -8.63 15.21 -4.20
N VAL A 354 -8.68 14.38 -3.15
CA VAL A 354 -10.00 13.97 -2.66
C VAL A 354 -10.62 15.09 -1.86
N SER A 355 -9.80 15.76 -1.06
CA SER A 355 -10.31 16.72 -0.10
C SER A 355 -10.69 18.06 -0.72
N THR A 356 -10.47 18.25 -2.03
CA THR A 356 -10.86 19.50 -2.67
C THR A 356 -11.71 19.26 -3.90
N ARG A 357 -12.23 18.05 -4.11
CA ARG A 357 -13.26 17.77 -5.10
C ARG A 357 -14.41 18.76 -5.02
N GLY A 358 -14.63 19.49 -6.11
CA GLY A 358 -15.75 20.40 -6.19
C GLY A 358 -15.55 21.76 -5.55
N LYS A 359 -14.40 22.01 -4.95
CA LYS A 359 -14.10 23.34 -4.43
C LYS A 359 -13.62 24.23 -5.56
N SER A 360 -13.44 25.52 -5.26
CA SER A 360 -13.07 26.51 -6.27
C SER A 360 -11.58 26.45 -6.57
N SER A 361 -11.23 26.92 -7.78
CA SER A 361 -9.83 27.02 -8.17
C SER A 361 -8.96 27.62 -7.06
N ILE A 362 -9.44 28.70 -6.43
CA ILE A 362 -8.70 29.29 -5.31
C ILE A 362 -8.36 28.22 -4.28
N VAL A 363 -9.31 27.35 -3.99
CA VAL A 363 -9.18 26.36 -2.91
C VAL A 363 -8.23 25.25 -3.32
N ARG A 364 -8.34 24.76 -4.55
CA ARG A 364 -7.49 23.66 -4.99
C ARG A 364 -6.02 24.08 -4.96
N ASN A 365 -5.72 25.32 -5.38
CA ASN A 365 -4.33 25.74 -5.45
C ASN A 365 -3.72 26.02 -4.08
N ARG A 366 -4.51 26.54 -3.12
CA ARG A 366 -3.99 26.69 -1.76
C ARG A 366 -3.79 25.32 -1.10
N ALA A 367 -4.59 24.32 -1.49
CA ALA A 367 -4.38 22.97 -1.00
C ALA A 367 -3.00 22.45 -1.44
N ILE A 368 -2.67 22.65 -2.71
CA ILE A 368 -1.39 22.18 -3.24
C ILE A 368 -0.23 22.76 -2.45
N ALA A 369 -0.23 24.08 -2.25
CA ALA A 369 0.87 24.70 -1.53
C ALA A 369 0.92 24.23 -0.08
N ALA A 370 -0.27 24.06 0.53
CA ALA A 370 -0.39 23.60 1.91
C ALA A 370 0.20 22.22 2.06
N ALA A 371 0.03 21.37 1.05
CA ALA A 371 0.55 20.01 1.11
C ALA A 371 2.07 20.00 0.94
N PHE A 372 2.57 20.71 -0.07
CA PHE A 372 4.02 20.88 -0.24
C PHE A 372 4.64 21.45 1.04
N GLY A 373 4.01 22.46 1.63
CA GLY A 373 4.46 22.93 2.93
C GLY A 373 4.53 21.84 3.98
N SER A 374 3.62 20.87 3.93
CA SER A 374 3.72 19.77 4.90
C SER A 374 4.82 18.79 4.52
N PHE A 375 4.96 18.49 3.21
CA PHE A 375 6.07 17.66 2.76
C PHE A 375 7.40 18.12 3.34
N ASN A 376 7.73 19.39 3.11
CA ASN A 376 8.96 19.98 3.65
C ASN A 376 9.05 19.82 5.16
N ALA A 377 7.98 20.18 5.86
CA ALA A 377 7.95 20.09 7.30
C ALA A 377 8.27 18.70 7.79
N VAL A 378 7.99 17.67 6.99
CA VAL A 378 8.00 16.29 7.47
C VAL A 378 9.25 15.52 7.04
N ARG A 379 9.87 15.94 5.92
CA ARG A 379 10.94 15.20 5.28
C ARG A 379 12.32 15.81 5.47
N ARG A 380 12.41 17.14 5.54
CA ARG A 380 13.70 17.80 5.48
C ARG A 380 14.64 17.36 6.60
N VAL A 381 14.13 16.99 7.77
CA VAL A 381 15.06 16.63 8.84
C VAL A 381 15.65 15.23 8.61
N ARG A 382 14.80 14.26 8.29
CA ARG A 382 15.40 12.94 8.06
C ARG A 382 16.31 12.98 6.84
N ALA A 383 15.89 13.66 5.75
CA ALA A 383 16.69 13.65 4.52
C ALA A 383 18.05 14.28 4.74
N GLN A 384 18.08 15.43 5.41
CA GLN A 384 19.33 16.16 5.60
C GLN A 384 20.15 15.59 6.74
N TRP A 385 19.56 14.76 7.61
CA TRP A 385 20.33 13.95 8.54
C TRP A 385 21.06 12.86 7.79
N PHE A 386 20.40 12.29 6.81
CA PHE A 386 20.98 11.21 6.02
C PHE A 386 22.19 11.70 5.23
N VAL A 387 22.15 12.94 4.70
CA VAL A 387 23.30 13.47 3.96
C VAL A 387 24.50 13.58 4.91
N ASP A 388 24.28 14.16 6.11
CA ASP A 388 25.31 14.22 7.14
C ASP A 388 25.79 12.83 7.52
N SER A 389 24.86 11.90 7.73
CA SER A 389 25.21 10.55 8.18
C SER A 389 26.06 9.82 7.16
N SER A 390 25.84 10.10 5.87
CA SER A 390 26.64 9.44 4.84
C SER A 390 28.10 9.86 4.94
N ARG A 391 28.37 11.19 5.08
CA ARG A 391 29.73 11.66 5.30
C ARG A 391 30.30 11.07 6.58
N ARG A 392 29.49 11.07 7.63
CA ARG A 392 29.92 10.57 8.93
C ARG A 392 30.43 9.12 8.88
N VAL A 393 29.65 8.22 8.27
CA VAL A 393 30.02 6.80 8.36
C VAL A 393 31.22 6.55 7.48
N CYS A 394 31.35 7.34 6.42
CA CYS A 394 32.54 7.29 5.58
C CYS A 394 33.78 7.69 6.38
N ASP A 395 33.67 8.74 7.21
CA ASP A 395 34.75 9.13 8.11
C ASP A 395 35.17 7.96 8.98
N LEU A 396 34.20 7.33 9.65
CA LEU A 396 34.46 6.18 10.50
C LEU A 396 35.08 5.02 9.74
N TYR A 397 34.81 4.90 8.44
CA TYR A 397 35.42 3.80 7.69
C TYR A 397 36.90 4.09 7.40
N GLN A 398 37.29 5.37 7.42
CA GLN A 398 38.62 5.82 7.03
C GLN A 398 39.40 6.49 8.18
N GLN A 399 39.01 6.29 9.43
CA GLN A 399 39.69 6.94 10.54
C GLN A 399 41.21 6.70 10.40
N PRO A 400 42.03 7.75 10.55
CA PRO A 400 43.49 7.50 10.62
C PRO A 400 43.87 6.49 11.69
N GLU A 401 43.08 6.44 12.79
CA GLU A 401 43.36 5.57 13.91
C GLU A 401 43.42 4.10 13.52
N TRP A 402 42.85 3.72 12.38
CA TRP A 402 42.89 2.31 11.99
C TRP A 402 44.32 1.83 11.86
N ALA A 403 45.25 2.76 11.55
CA ALA A 403 46.65 2.44 11.29
C ALA A 403 47.49 2.39 12.56
N ASP A 404 47.13 3.19 13.55
CA ASP A 404 47.75 3.20 14.88
C ASP A 404 47.46 1.91 15.62
N PRO A 405 48.48 1.15 16.05
CA PRO A 405 48.18 -0.06 16.84
C PRO A 405 47.84 0.26 18.28
N GLN A 406 47.96 1.52 18.71
CA GLN A 406 47.52 1.92 20.03
C GLN A 406 46.10 2.47 20.05
N LYS A 407 45.44 2.53 18.91
CA LYS A 407 44.12 3.16 18.85
C LYS A 407 43.07 2.32 18.13
N ARG A 408 43.34 1.04 17.88
CA ARG A 408 42.37 0.16 17.27
C ARG A 408 41.37 -0.42 18.27
N ILE A 409 41.12 0.30 19.37
CA ILE A 409 40.00 -0.06 20.25
C ILE A 409 39.11 1.17 20.44
N LYS A 410 39.70 2.36 20.47
CA LYS A 410 38.90 3.56 20.26
C LYS A 410 38.28 3.54 18.86
N ALA A 411 39.05 3.07 17.87
CA ALA A 411 38.58 3.03 16.49
C ALA A 411 37.50 1.97 16.30
N GLU A 412 37.61 0.85 17.00
CA GLU A 412 36.65 -0.21 16.83
C GLU A 412 35.33 0.05 17.53
N ASN A 413 35.20 1.18 18.25
CA ASN A 413 33.92 1.55 18.87
C ASN A 413 32.97 2.26 17.90
N CYS A 414 33.43 2.60 16.71
CA CYS A 414 32.53 3.21 15.75
C CYS A 414 31.40 2.28 15.33
N PHE A 415 31.61 0.97 15.42
CA PHE A 415 30.63 0.03 14.90
C PHE A 415 29.28 0.10 15.61
N GLU A 416 29.23 0.58 16.84
CA GLU A 416 27.91 0.80 17.44
C GLU A 416 27.22 1.99 16.78
N GLU A 417 27.99 3.03 16.41
CA GLU A 417 27.44 4.19 15.72
C GLU A 417 26.94 3.81 14.33
N ILE A 418 27.61 2.86 13.68
CA ILE A 418 27.19 2.38 12.37
C ILE A 418 25.90 1.57 12.48
N LYS A 419 25.81 0.70 13.49
CA LYS A 419 24.61 -0.10 13.69
C LYS A 419 23.41 0.80 13.92
N ASP A 420 23.56 1.79 14.82
CA ASP A 420 22.43 2.65 15.16
C ASP A 420 21.99 3.51 13.97
N ARG A 421 22.97 4.08 13.25
CA ARG A 421 22.69 4.93 12.09
C ARG A 421 22.11 4.09 10.95
N SER A 422 22.66 2.88 10.73
CA SER A 422 22.06 1.92 9.82
C SER A 422 20.61 1.62 10.19
N HIS A 423 20.37 1.21 11.45
CA HIS A 423 19.05 0.82 11.90
C HIS A 423 18.06 1.96 11.74
N LYS A 424 18.51 3.19 12.05
CA LYS A 424 17.65 4.37 11.89
C LYS A 424 17.24 4.58 10.43
N ILE A 425 18.08 4.15 9.48
CA ILE A 425 17.68 4.21 8.08
C ILE A 425 16.74 3.07 7.71
N TRP A 426 17.07 1.84 8.12
CA TRP A 426 16.35 0.65 7.71
C TRP A 426 14.95 0.52 8.35
N HIS A 427 14.74 1.10 9.53
CA HIS A 427 13.53 0.92 10.31
C HIS A 427 12.76 2.22 10.38
N PHE A 428 12.75 2.92 9.28
CA PHE A 428 11.94 4.11 9.18
C PHE A 428 10.46 3.77 9.30
N ASP A 429 9.78 4.47 10.19
CA ASP A 429 8.32 4.35 10.33
C ASP A 429 7.67 5.28 9.33
N TYR A 430 7.45 4.77 8.11
CA TYR A 430 6.79 5.57 7.09
C TYR A 430 5.31 5.79 7.38
N ASN A 431 4.63 4.85 8.07
CA ASN A 431 3.22 5.11 8.39
C ASN A 431 3.04 6.34 9.29
N SER A 432 3.91 6.52 10.29
CA SER A 432 3.81 7.76 11.09
C SER A 432 4.19 8.99 10.26
N MET A 433 5.14 8.88 9.35
CA MET A 433 5.40 9.99 8.43
C MET A 433 4.11 10.36 7.67
N LEU A 434 3.40 9.37 7.14
CA LEU A 434 2.18 9.66 6.37
C LEU A 434 1.11 10.25 7.25
N GLN A 435 0.94 9.71 8.48
CA GLN A 435 -0.02 10.29 9.41
C GLN A 435 0.31 11.74 9.76
N GLU A 436 1.57 12.02 10.08
CA GLU A 436 1.92 13.40 10.41
C GLU A 436 1.77 14.30 9.19
N ALA A 437 2.04 13.76 8.01
CA ALA A 437 1.91 14.58 6.82
C ALA A 437 0.48 15.03 6.63
N ILE A 438 -0.49 14.11 6.80
CA ILE A 438 -1.90 14.48 6.59
C ILE A 438 -2.35 15.48 7.65
N GLU A 439 -1.99 15.24 8.92
CA GLU A 439 -2.25 16.23 9.98
C GLU A 439 -1.70 17.61 9.64
N LYS A 440 -0.41 17.70 9.27
CA LYS A 440 0.15 19.01 8.94
C LYS A 440 -0.59 19.65 7.77
N TYR A 441 -0.98 18.85 6.76
CA TYR A 441 -1.76 19.41 5.66
C TYR A 441 -3.08 19.99 6.16
N ARG A 442 -3.79 19.25 7.01
CA ARG A 442 -5.07 19.78 7.48
C ARG A 442 -4.85 21.04 8.29
N HIS A 443 -3.92 20.97 9.24
CA HIS A 443 -3.49 22.16 9.98
C HIS A 443 -3.26 23.32 9.01
N ASN A 444 -2.35 23.15 8.05
CA ASN A 444 -2.03 24.22 7.12
C ASN A 444 -3.21 24.74 6.32
N MET A 445 -4.35 24.05 6.33
CA MET A 445 -5.56 24.50 5.65
C MET A 445 -6.57 25.12 6.62
N GLY A 446 -6.11 25.60 7.77
CA GLY A 446 -7.00 26.10 8.80
C GLY A 446 -7.96 25.05 9.33
N SER A 447 -7.72 23.78 8.98
CA SER A 447 -8.59 22.66 9.36
C SER A 447 -8.01 21.90 10.56
N GLN B 11 7.33 -20.50 -14.28
CA GLN B 11 5.89 -20.23 -14.52
C GLN B 11 5.25 -19.61 -13.28
N PRO B 12 4.42 -18.59 -13.47
CA PRO B 12 3.80 -17.96 -12.31
C PRO B 12 2.78 -18.87 -11.64
N LEU B 13 2.61 -18.63 -10.36
CA LEU B 13 1.51 -19.20 -9.62
C LEU B 13 0.19 -18.81 -10.26
N SER B 14 -0.71 -19.77 -10.40
CA SER B 14 -2.06 -19.45 -10.88
C SER B 14 -3.10 -19.68 -9.78
N VAL B 15 -4.11 -18.81 -9.78
CA VAL B 15 -5.15 -18.78 -8.78
C VAL B 15 -6.49 -18.71 -9.49
N GLY B 16 -7.36 -19.71 -9.23
CA GLY B 16 -8.74 -19.66 -9.68
C GLY B 16 -9.63 -19.16 -8.58
N ILE B 17 -10.19 -17.96 -8.75
CA ILE B 17 -11.12 -17.38 -7.78
C ILE B 17 -12.55 -17.71 -8.23
N VAL B 18 -13.31 -18.35 -7.36
CA VAL B 18 -14.69 -18.67 -7.67
C VAL B 18 -15.57 -17.54 -7.14
N GLY B 19 -16.12 -16.75 -8.07
CA GLY B 19 -16.99 -15.64 -7.71
C GLY B 19 -16.42 -14.27 -7.99
N GLY B 20 -17.14 -13.53 -8.84
CA GLY B 20 -16.85 -12.14 -9.13
C GLY B 20 -17.74 -11.14 -8.43
N GLY B 21 -17.91 -11.28 -7.13
CA GLY B 21 -18.43 -10.20 -6.31
C GLY B 21 -17.33 -9.24 -5.92
N ILE B 22 -17.67 -8.30 -5.06
CA ILE B 22 -16.75 -7.23 -4.67
C ILE B 22 -15.45 -7.80 -4.08
N ILE B 23 -15.56 -8.82 -3.22
CA ILE B 23 -14.35 -9.39 -2.63
C ILE B 23 -13.53 -10.13 -3.68
N GLY B 24 -14.17 -10.95 -4.50
CA GLY B 24 -13.44 -11.71 -5.51
C GLY B 24 -12.76 -10.83 -6.54
N VAL B 25 -13.32 -9.69 -6.85
CA VAL B 25 -12.74 -8.82 -7.87
C VAL B 25 -11.66 -7.91 -7.25
N ILE B 26 -11.84 -7.49 -5.99
CA ILE B 26 -10.78 -6.80 -5.26
C ILE B 26 -9.56 -7.70 -5.12
N LEU B 27 -9.78 -8.95 -4.70
CA LEU B 27 -8.70 -9.93 -4.59
C LEU B 27 -7.93 -10.07 -5.90
N ALA B 28 -8.64 -10.29 -7.01
CA ALA B 28 -8.02 -10.43 -8.31
C ALA B 28 -7.14 -9.22 -8.63
N ALA B 29 -7.65 -8.02 -8.39
CA ALA B 29 -6.87 -6.84 -8.66
C ALA B 29 -5.57 -6.87 -7.87
N GLY B 30 -5.63 -7.26 -6.59
CA GLY B 30 -4.43 -7.25 -5.78
C GLY B 30 -3.40 -8.25 -6.23
N LEU B 31 -3.86 -9.39 -6.76
CA LEU B 31 -2.95 -10.47 -7.13
C LEU B 31 -2.31 -10.21 -8.49
N VAL B 32 -3.06 -9.63 -9.43
CA VAL B 32 -2.51 -9.40 -10.76
C VAL B 32 -1.52 -8.23 -10.72
N ARG B 33 -1.79 -7.26 -9.85
CA ARG B 33 -0.87 -6.14 -9.72
C ARG B 33 0.50 -6.60 -9.24
N ARG B 34 0.61 -7.85 -8.75
CA ARG B 34 1.84 -8.44 -8.23
C ARG B 34 2.36 -9.56 -9.14
N GLY B 35 1.74 -9.79 -10.30
CA GLY B 35 2.27 -10.73 -11.29
C GLY B 35 1.77 -12.14 -11.20
N ILE B 36 0.72 -12.37 -10.47
CA ILE B 36 0.15 -13.71 -10.28
C ILE B 36 -0.90 -13.93 -11.35
N ASP B 37 -0.85 -15.10 -11.98
N ASP B 37 -0.93 -15.09 -11.99
CA ASP B 37 -1.86 -15.54 -12.93
CA ASP B 37 -1.85 -15.33 -13.10
C ASP B 37 -3.21 -15.69 -12.23
C ASP B 37 -3.20 -15.81 -12.56
N VAL B 38 -4.21 -14.94 -12.67
CA VAL B 38 -5.53 -15.05 -12.04
C VAL B 38 -6.63 -15.30 -13.06
N LYS B 39 -7.66 -16.04 -12.61
CA LYS B 39 -8.91 -16.19 -13.32
C LYS B 39 -10.07 -16.07 -12.35
N VAL B 40 -11.05 -15.21 -12.65
CA VAL B 40 -12.29 -15.12 -11.88
C VAL B 40 -13.47 -15.79 -12.61
N PHE B 41 -14.12 -16.74 -11.93
CA PHE B 41 -15.22 -17.52 -12.47
C PHE B 41 -16.49 -17.08 -11.78
N GLU B 42 -17.35 -16.39 -12.52
CA GLU B 42 -18.64 -15.89 -12.02
C GLU B 42 -19.79 -16.61 -12.70
N GLN B 43 -20.71 -17.16 -11.89
CA GLN B 43 -21.85 -17.90 -12.42
C GLN B 43 -22.79 -17.01 -13.24
N ALA B 44 -22.88 -15.72 -12.89
CA ALA B 44 -23.86 -14.82 -13.48
C ALA B 44 -23.43 -14.27 -14.84
N ARG B 45 -24.44 -13.77 -15.58
CA ARG B 45 -24.23 -13.36 -16.97
C ARG B 45 -23.36 -12.12 -17.05
N GLY B 46 -23.59 -11.14 -16.18
CA GLY B 46 -22.89 -9.87 -16.25
C GLY B 46 -23.81 -8.68 -16.04
N PHE B 47 -25.00 -8.91 -15.47
CA PHE B 47 -25.79 -7.82 -14.93
C PHE B 47 -25.16 -7.31 -13.64
N ARG B 48 -24.50 -8.18 -12.91
CA ARG B 48 -23.67 -7.73 -11.78
C ARG B 48 -24.62 -7.14 -10.73
N GLU B 49 -24.08 -6.22 -9.94
CA GLU B 49 -24.66 -5.93 -8.64
C GLU B 49 -25.96 -5.12 -8.77
N ILE B 50 -26.56 -4.89 -7.61
CA ILE B 50 -27.77 -4.10 -7.46
C ILE B 50 -27.36 -2.63 -7.27
N GLY B 51 -28.30 -1.74 -7.59
CA GLY B 51 -28.07 -0.31 -7.44
C GLY B 51 -28.01 0.20 -6.01
N ALA B 52 -28.03 -0.69 -5.02
CA ALA B 52 -27.95 -0.28 -3.61
C ALA B 52 -26.60 0.39 -3.32
N GLY B 53 -26.49 0.95 -2.12
CA GLY B 53 -25.28 1.64 -1.71
C GLY B 53 -24.62 0.91 -0.56
N MET B 54 -23.30 0.98 -0.52
CA MET B 54 -22.58 0.42 0.60
C MET B 54 -21.51 1.40 1.05
N ALA B 55 -20.94 1.15 2.23
CA ALA B 55 -19.95 2.08 2.75
C ALA B 55 -18.79 1.31 3.35
N PHE B 56 -17.62 1.93 3.27
CA PHE B 56 -16.38 1.28 3.67
C PHE B 56 -15.73 2.15 4.72
N THR B 57 -15.25 1.52 5.79
CA THR B 57 -14.47 2.23 6.80
C THR B 57 -13.15 2.75 6.25
N ALA B 58 -12.66 3.83 6.83
CA ALA B 58 -11.34 4.32 6.43
C ALA B 58 -10.29 3.22 6.55
N ASN B 59 -10.47 2.27 7.47
CA ASN B 59 -9.52 1.15 7.60
C ASN B 59 -9.59 0.22 6.40
N ALA B 60 -10.78 -0.01 5.88
CA ALA B 60 -10.92 -0.89 4.73
C ALA B 60 -10.38 -0.21 3.50
N VAL B 61 -10.51 1.11 3.47
CA VAL B 61 -10.03 1.84 2.33
C VAL B 61 -8.51 1.79 2.26
N ARG B 62 -7.83 1.85 3.43
CA ARG B 62 -6.37 1.70 3.44
C ARG B 62 -5.96 0.31 2.99
N CYS B 63 -6.76 -0.70 3.36
CA CYS B 63 -6.48 -2.04 2.85
C CYS B 63 -6.62 -2.06 1.34
N MET B 64 -7.65 -1.37 0.82
CA MET B 64 -7.83 -1.27 -0.63
C MET B 64 -6.60 -0.69 -1.29
N GLU B 65 -6.10 0.43 -0.76
CA GLU B 65 -4.91 1.08 -1.27
C GLU B 65 -3.75 0.10 -1.37
N MET B 66 -3.45 -0.64 -0.27
CA MET B 66 -2.36 -1.60 -0.26
CA MET B 66 -2.33 -1.57 -0.33
C MET B 66 -2.60 -2.78 -1.20
N LEU B 67 -3.87 -3.17 -1.45
CA LEU B 67 -4.09 -4.17 -2.48
C LEU B 67 -3.73 -3.63 -3.89
N ASP B 68 -4.19 -2.43 -4.22
CA ASP B 68 -3.92 -1.74 -5.48
C ASP B 68 -4.50 -0.33 -5.37
N PRO B 69 -3.71 0.72 -5.52
CA PRO B 69 -4.28 2.08 -5.35
C PRO B 69 -5.43 2.41 -6.31
N ALA B 70 -5.53 1.78 -7.48
CA ALA B 70 -6.65 2.01 -8.40
C ALA B 70 -7.98 1.50 -7.83
N ILE B 71 -7.95 0.62 -6.84
CA ILE B 71 -9.21 0.19 -6.22
C ILE B 71 -9.87 1.38 -5.55
N VAL B 72 -9.08 2.20 -4.85
CA VAL B 72 -9.63 3.36 -4.14
C VAL B 72 -10.05 4.42 -5.12
N TRP B 73 -9.33 4.52 -6.23
CA TRP B 73 -9.73 5.44 -7.29
C TRP B 73 -11.08 4.99 -7.89
N ALA B 74 -11.24 3.68 -8.19
CA ALA B 74 -12.53 3.15 -8.61
C ALA B 74 -13.66 3.49 -7.64
N LEU B 75 -13.39 3.47 -6.33
CA LEU B 75 -14.39 3.79 -5.30
C LEU B 75 -14.73 5.28 -5.25
N ARG B 76 -13.71 6.17 -5.22
CA ARG B 76 -14.03 7.60 -5.06
C ARG B 76 -14.67 8.16 -6.32
N SER B 77 -14.31 7.64 -7.49
CA SER B 77 -15.00 7.98 -8.72
C SER B 77 -16.35 7.30 -8.83
N SER B 78 -16.62 6.25 -8.04
CA SER B 78 -17.91 5.59 -8.07
C SER B 78 -18.88 6.09 -7.00
N GLY B 79 -18.65 7.27 -6.42
CA GLY B 79 -19.61 7.90 -5.55
C GLY B 79 -19.93 9.29 -6.05
N ALA B 80 -20.75 9.99 -5.27
CA ALA B 80 -21.02 11.37 -5.59
C ALA B 80 -19.90 12.25 -5.00
N VAL B 81 -20.03 13.56 -5.19
CA VAL B 81 -19.05 14.53 -4.75
C VAL B 81 -19.69 15.38 -3.65
N PRO B 82 -19.14 15.39 -2.42
CA PRO B 82 -19.69 16.23 -1.33
C PRO B 82 -20.10 17.64 -1.77
N GLN B 89 -18.15 24.95 4.36
CA GLN B 89 -16.93 24.85 3.58
C GLN B 89 -15.88 23.91 4.22
N ALA B 90 -15.73 23.92 5.55
CA ALA B 90 -14.82 23.00 6.24
C ALA B 90 -15.19 21.53 5.94
N GLU B 91 -14.34 20.61 6.40
CA GLU B 91 -14.43 19.20 5.99
C GLU B 91 -15.37 18.42 6.92
N ALA B 92 -16.26 17.60 6.33
CA ALA B 92 -17.33 16.94 7.08
C ALA B 92 -16.86 15.66 7.78
N ARG B 93 -17.03 15.64 9.09
CA ARG B 93 -16.82 14.43 9.87
C ARG B 93 -18.03 13.50 9.70
N ASP B 94 -17.76 12.19 9.71
CA ASP B 94 -18.79 11.17 9.63
C ASP B 94 -19.22 10.72 11.03
N TYR B 95 -20.51 10.87 11.33
CA TYR B 95 -21.11 10.57 12.62
C TYR B 95 -22.16 9.47 12.47
N LEU B 96 -22.22 8.55 13.43
CA LEU B 96 -23.35 7.63 13.57
C LEU B 96 -24.21 8.07 14.75
N ARG B 97 -25.53 8.03 14.56
CA ARG B 97 -26.46 8.57 15.53
C ARG B 97 -27.55 7.58 15.84
N TRP B 98 -27.94 7.54 17.10
CA TRP B 98 -29.04 6.70 17.57
C TRP B 98 -30.07 7.59 18.23
N VAL B 99 -31.31 7.36 17.88
CA VAL B 99 -32.45 8.12 18.36
CA VAL B 99 -32.43 8.12 18.41
C VAL B 99 -33.48 7.14 18.92
N ASP B 100 -34.26 7.61 19.87
CA ASP B 100 -35.36 6.82 20.41
C ASP B 100 -36.51 6.81 19.39
N GLY B 101 -36.81 5.64 18.83
CA GLY B 101 -37.82 5.52 17.82
C GLY B 101 -39.22 5.23 18.35
N TYR B 102 -39.37 4.91 19.64
CA TYR B 102 -40.61 4.35 20.18
C TYR B 102 -41.45 5.35 20.93
N HIS B 103 -40.88 6.47 21.31
CA HIS B 103 -41.60 7.56 21.95
C HIS B 103 -41.54 8.78 21.05
N GLU B 104 -42.50 9.68 21.24
CA GLU B 104 -42.50 10.92 20.46
C GLU B 104 -41.42 11.86 20.96
N SER B 105 -40.81 11.57 22.12
N SER B 105 -40.81 11.56 22.11
CA SER B 105 -39.64 12.31 22.58
CA SER B 105 -39.65 12.33 22.57
C SER B 105 -38.59 12.39 21.48
C SER B 105 -38.57 12.38 21.51
N SER B 106 -38.39 11.30 20.76
CA SER B 106 -37.45 11.23 19.63
C SER B 106 -36.04 11.66 20.05
N LYS B 107 -35.66 11.35 21.29
CA LYS B 107 -34.47 11.94 21.88
C LYS B 107 -33.20 11.34 21.27
N ARG B 108 -32.23 12.23 20.95
CA ARG B 108 -30.96 11.76 20.40
C ARG B 108 -30.23 11.05 21.54
N LEU B 109 -29.93 9.78 21.33
CA LEU B 109 -29.45 8.93 22.39
C LEU B 109 -27.93 8.77 22.41
N TYR B 110 -27.29 8.69 21.26
CA TYR B 110 -25.87 8.41 21.26
C TYR B 110 -25.33 8.81 19.91
N GLN B 111 -24.00 8.92 19.86
CA GLN B 111 -23.29 9.49 18.71
C GLN B 111 -21.87 8.95 18.74
N LEU B 112 -21.42 8.43 17.62
CA LEU B 112 -20.04 7.98 17.47
C LEU B 112 -19.38 8.77 16.34
N ASP B 113 -18.31 9.51 16.66
CA ASP B 113 -17.56 10.29 15.68
C ASP B 113 -16.56 9.37 14.98
N ALA B 114 -16.68 9.23 13.68
CA ALA B 114 -15.78 8.35 12.93
C ALA B 114 -14.70 9.11 12.17
N GLY B 115 -14.67 10.44 12.24
CA GLY B 115 -13.61 11.21 11.63
C GLY B 115 -13.83 11.54 10.16
N ILE B 116 -12.92 12.36 9.65
CA ILE B 116 -12.99 12.76 8.25
C ILE B 116 -12.86 11.52 7.38
N ARG B 117 -13.80 11.35 6.46
CA ARG B 117 -13.82 10.18 5.60
C ARG B 117 -13.63 8.91 6.43
N GLY B 118 -14.19 8.92 7.64
CA GLY B 118 -14.25 7.70 8.44
C GLY B 118 -15.02 6.58 7.76
N PHE B 119 -16.04 6.94 6.97
CA PHE B 119 -16.61 6.06 5.95
C PHE B 119 -16.52 6.73 4.58
N GLU B 120 -16.39 5.89 3.55
CA GLU B 120 -16.44 6.28 2.15
C GLU B 120 -17.50 5.42 1.49
N ALA B 121 -18.43 6.09 0.81
CA ALA B 121 -19.64 5.47 0.30
C ALA B 121 -19.60 5.43 -1.22
N CYS B 122 -20.29 4.44 -1.78
CA CYS B 122 -20.37 4.28 -3.23
C CYS B 122 -21.68 3.59 -3.60
N ARG B 123 -21.93 3.48 -4.91
CA ARG B 123 -22.98 2.59 -5.42
C ARG B 123 -22.29 1.28 -5.75
N ARG B 124 -22.89 0.17 -5.31
CA ARG B 124 -22.25 -1.12 -5.47
C ARG B 124 -22.02 -1.45 -6.92
N ASP B 125 -23.00 -1.19 -7.78
CA ASP B 125 -22.89 -1.61 -9.17
C ASP B 125 -21.88 -0.76 -9.91
N GLN B 126 -21.79 0.53 -9.59
CA GLN B 126 -20.84 1.43 -10.23
C GLN B 126 -19.41 1.11 -9.82
N PHE B 127 -19.22 0.64 -8.59
CA PHE B 127 -17.92 0.23 -8.08
C PHE B 127 -17.46 -1.05 -8.75
N LEU B 128 -18.28 -2.10 -8.67
CA LEU B 128 -17.87 -3.36 -9.28
C LEU B 128 -17.54 -3.13 -10.75
N GLU B 129 -18.26 -2.21 -11.40
CA GLU B 129 -18.01 -1.88 -12.81
C GLU B 129 -16.63 -1.26 -12.98
N ALA B 130 -16.38 -0.16 -12.28
CA ALA B 130 -15.08 0.46 -12.31
C ALA B 130 -13.99 -0.56 -12.00
N LEU B 131 -14.18 -1.36 -10.94
CA LEU B 131 -13.17 -2.36 -10.59
C LEU B 131 -12.82 -3.26 -11.78
N VAL B 132 -13.83 -3.81 -12.46
CA VAL B 132 -13.56 -4.73 -13.56
C VAL B 132 -12.84 -4.03 -14.70
N LYS B 133 -13.09 -2.73 -14.92
CA LYS B 133 -12.33 -2.01 -15.94
C LYS B 133 -10.84 -1.93 -15.56
N VAL B 134 -10.53 -1.65 -14.29
CA VAL B 134 -9.16 -1.72 -13.79
C VAL B 134 -8.46 -3.03 -14.17
N LEU B 135 -9.15 -4.16 -14.04
CA LEU B 135 -8.53 -5.45 -14.29
C LEU B 135 -8.04 -5.57 -15.73
N PRO B 136 -6.92 -6.27 -15.96
CA PRO B 136 -6.54 -6.64 -17.32
C PRO B 136 -7.69 -7.36 -18.00
N GLU B 137 -7.74 -7.30 -19.34
CA GLU B 137 -8.71 -8.08 -20.07
C GLU B 137 -8.40 -9.57 -19.87
N GLY B 138 -9.43 -10.41 -19.97
CA GLY B 138 -9.23 -11.84 -19.93
C GLY B 138 -9.13 -12.46 -18.56
N ILE B 139 -9.66 -11.81 -17.53
CA ILE B 139 -9.59 -12.30 -16.15
C ILE B 139 -10.96 -12.83 -15.68
N VAL B 140 -12.02 -12.04 -15.84
CA VAL B 140 -13.35 -12.43 -15.42
C VAL B 140 -14.00 -13.28 -16.51
N GLU B 141 -14.27 -14.54 -16.20
CA GLU B 141 -15.08 -15.44 -17.04
C GLU B 141 -16.51 -15.52 -16.47
N CYS B 142 -17.47 -15.00 -17.22
CA CYS B 142 -18.86 -15.04 -16.79
C CYS B 142 -19.54 -16.31 -17.32
N GLN B 143 -20.77 -16.53 -16.83
CA GLN B 143 -21.53 -17.82 -16.94
C GLN B 143 -20.68 -19.07 -16.62
N LYS B 144 -19.93 -19.00 -15.52
CA LYS B 144 -19.10 -20.14 -15.09
C LYS B 144 -19.50 -20.43 -13.64
N ARG B 145 -20.47 -21.32 -13.49
CA ARG B 145 -21.00 -21.68 -12.20
C ARG B 145 -20.31 -22.96 -11.77
N LEU B 146 -19.55 -22.88 -10.67
CA LEU B 146 -18.77 -24.02 -10.23
C LEU B 146 -19.72 -25.09 -9.72
N GLN B 147 -19.44 -26.33 -10.09
CA GLN B 147 -20.20 -27.49 -9.64
C GLN B 147 -19.40 -28.44 -8.76
N LYS B 148 -18.21 -28.85 -9.18
CA LYS B 148 -17.40 -29.77 -8.40
C LYS B 148 -15.96 -29.29 -8.43
N ILE B 149 -15.23 -29.73 -7.41
CA ILE B 149 -13.80 -29.50 -7.27
C ILE B 149 -13.15 -30.87 -7.17
N HIS B 150 -12.12 -31.09 -7.98
CA HIS B 150 -11.37 -32.35 -7.98
C HIS B 150 -9.94 -32.05 -7.54
N GLU B 151 -9.61 -32.41 -6.30
CA GLU B 151 -8.26 -32.26 -5.79
C GLU B 151 -7.52 -33.58 -5.95
N LYS B 152 -6.21 -33.48 -6.01
CA LYS B 152 -5.35 -34.63 -6.24
C LYS B 152 -4.18 -34.52 -5.27
N ASN B 153 -3.00 -34.99 -5.68
CA ASN B 153 -1.83 -34.80 -4.85
C ASN B 153 -1.54 -33.32 -4.72
N GLU B 154 -1.02 -32.92 -3.56
CA GLU B 154 -0.64 -31.53 -3.35
C GLU B 154 0.04 -30.92 -4.56
N THR B 155 0.84 -31.73 -5.26
CA THR B 155 1.73 -31.27 -6.32
C THR B 155 1.04 -31.06 -7.67
N GLU B 156 -0.24 -31.40 -7.76
CA GLU B 156 -1.02 -31.34 -8.98
C GLU B 156 -1.96 -30.15 -8.97
N LYS B 157 -2.40 -29.75 -10.15
CA LYS B 157 -3.36 -28.67 -10.24
C LYS B 157 -4.70 -29.14 -9.69
N VAL B 158 -5.53 -28.18 -9.29
CA VAL B 158 -6.87 -28.42 -8.79
C VAL B 158 -7.83 -28.17 -9.94
N THR B 159 -8.77 -29.08 -10.12
CA THR B 159 -9.66 -29.02 -11.27
C THR B 159 -11.02 -28.50 -10.85
N LEU B 160 -11.50 -27.50 -11.56
CA LEU B 160 -12.77 -26.87 -11.29
C LEU B 160 -13.70 -27.30 -12.42
N GLU B 161 -14.83 -27.90 -12.08
CA GLU B 161 -15.79 -28.32 -13.07
C GLU B 161 -16.97 -27.36 -13.00
N PHE B 162 -17.38 -26.85 -14.13
CA PHE B 162 -18.49 -25.91 -14.19
C PHE B 162 -19.74 -26.57 -14.77
N ALA B 163 -20.87 -25.89 -14.60
CA ALA B 163 -22.16 -26.43 -15.01
C ALA B 163 -22.32 -26.42 -16.52
N ASP B 164 -21.66 -25.51 -17.23
CA ASP B 164 -21.73 -25.61 -18.69
C ASP B 164 -20.92 -26.81 -19.22
N GLY B 165 -20.40 -27.70 -18.39
CA GLY B 165 -19.65 -28.84 -18.86
C GLY B 165 -18.17 -28.61 -19.05
N THR B 166 -17.68 -27.41 -18.78
CA THR B 166 -16.29 -27.07 -19.00
C THR B 166 -15.48 -27.20 -17.71
N PHE B 167 -14.16 -27.12 -17.86
CA PHE B 167 -13.21 -27.39 -16.78
C PHE B 167 -12.15 -26.33 -16.73
N ALA B 168 -11.48 -26.22 -15.57
CA ALA B 168 -10.32 -25.34 -15.43
C ALA B 168 -9.32 -25.93 -14.46
N HIS B 169 -8.05 -25.61 -14.67
CA HIS B 169 -6.96 -26.22 -13.91
C HIS B 169 -6.06 -25.13 -13.35
N VAL B 170 -6.08 -24.97 -12.03
CA VAL B 170 -5.43 -23.88 -11.33
C VAL B 170 -4.54 -24.48 -10.25
N ASP B 171 -3.48 -23.77 -9.92
CA ASP B 171 -2.57 -24.27 -8.88
C ASP B 171 -3.26 -24.32 -7.53
N CYS B 172 -4.21 -23.42 -7.33
CA CYS B 172 -4.92 -23.28 -6.06
C CYS B 172 -6.17 -22.47 -6.36
N VAL B 173 -7.10 -22.55 -5.40
CA VAL B 173 -8.51 -22.17 -5.53
C VAL B 173 -8.88 -21.30 -4.35
N ILE B 174 -9.53 -20.18 -4.62
CA ILE B 174 -10.15 -19.37 -3.58
C ILE B 174 -11.65 -19.27 -3.79
N GLY B 175 -12.42 -19.47 -2.71
CA GLY B 175 -13.83 -19.24 -2.68
C GLY B 175 -14.30 -17.86 -2.31
N ALA B 176 -14.55 -17.08 -3.36
CA ALA B 176 -15.16 -15.77 -3.22
C ALA B 176 -16.62 -15.79 -3.66
N ASP B 177 -17.33 -16.91 -3.44
CA ASP B 177 -18.63 -17.12 -4.06
C ASP B 177 -19.85 -16.90 -3.14
N GLY B 178 -19.67 -16.23 -2.02
CA GLY B 178 -20.77 -15.62 -1.31
C GLY B 178 -21.41 -16.45 -0.20
N ILE B 179 -22.52 -15.89 0.30
CA ILE B 179 -23.28 -16.50 1.40
C ILE B 179 -23.78 -17.91 1.07
N ARG B 180 -24.01 -18.24 -0.21
CA ARG B 180 -24.42 -19.60 -0.59
C ARG B 180 -23.29 -20.35 -1.29
N SER B 181 -22.06 -20.07 -0.87
CA SER B 181 -20.83 -20.58 -1.46
C SER B 181 -20.93 -22.05 -1.80
N ARG B 182 -20.45 -22.37 -2.99
CA ARG B 182 -20.25 -23.74 -3.41
C ARG B 182 -18.91 -24.29 -2.97
N VAL B 183 -17.90 -23.43 -2.87
CA VAL B 183 -16.62 -23.91 -2.34
C VAL B 183 -16.79 -24.32 -0.88
N ARG B 184 -17.61 -23.59 -0.12
CA ARG B 184 -17.91 -24.00 1.25
C ARG B 184 -18.53 -25.41 1.35
N GLN B 185 -19.47 -25.76 0.45
CA GLN B 185 -20.09 -27.09 0.52
C GLN B 185 -19.10 -28.22 0.17
N HIS B 186 -18.20 -27.99 -0.78
CA HIS B 186 -17.19 -29.01 -1.06
C HIS B 186 -16.33 -29.26 0.18
N LEU B 187 -15.98 -28.21 0.92
CA LEU B 187 -15.11 -28.43 2.08
C LEU B 187 -15.80 -29.27 3.15
N PHE B 188 -17.05 -28.91 3.52
CA PHE B 188 -17.72 -29.50 4.68
C PHE B 188 -18.77 -30.53 4.32
N GLY B 189 -19.18 -30.64 3.07
CA GLY B 189 -20.19 -31.60 2.73
C GLY B 189 -21.55 -31.00 2.42
N GLU B 190 -22.12 -31.38 1.28
CA GLU B 190 -23.42 -30.88 0.85
C GLU B 190 -24.49 -30.99 1.93
N ASP B 191 -24.48 -32.08 2.68
CA ASP B 191 -25.51 -32.31 3.69
C ASP B 191 -25.07 -31.93 5.09
N SER B 192 -23.88 -31.30 5.23
CA SER B 192 -23.52 -30.74 6.52
C SER B 192 -24.14 -29.35 6.67
N PRO B 193 -24.61 -29.01 7.88
CA PRO B 193 -25.18 -27.67 8.10
C PRO B 193 -24.12 -26.56 8.14
N TYR B 194 -22.84 -26.91 8.33
CA TYR B 194 -21.74 -25.97 8.18
C TYR B 194 -21.59 -25.50 6.73
N SER B 195 -22.25 -26.16 5.80
CA SER B 195 -22.14 -25.78 4.39
C SER B 195 -23.14 -24.72 3.96
N HIS B 196 -24.04 -24.30 4.83
CA HIS B 196 -25.15 -23.46 4.44
C HIS B 196 -25.30 -22.34 5.46
N PRO B 197 -25.77 -21.18 5.03
CA PRO B 197 -26.22 -20.17 5.99
C PRO B 197 -27.57 -20.55 6.55
N HIS B 198 -28.01 -19.80 7.58
CA HIS B 198 -29.29 -20.05 8.21
C HIS B 198 -29.91 -18.74 8.63
N TYR B 199 -31.20 -18.79 8.87
CA TYR B 199 -31.98 -17.59 9.10
C TYR B 199 -31.65 -17.01 10.46
N SER B 200 -31.56 -15.70 10.51
CA SER B 200 -31.32 -14.98 11.75
C SER B 200 -32.62 -14.60 12.44
N HIS B 201 -33.77 -14.95 11.85
CA HIS B 201 -35.11 -14.69 12.40
C HIS B 201 -35.43 -13.21 12.43
N LYS B 202 -34.86 -12.49 11.47
CA LYS B 202 -35.17 -11.09 11.26
C LYS B 202 -35.17 -10.87 9.75
N PHE B 203 -35.87 -9.83 9.31
CA PHE B 203 -35.86 -9.46 7.89
C PHE B 203 -36.13 -7.96 7.80
N ALA B 204 -35.88 -7.40 6.62
CA ALA B 204 -35.87 -5.95 6.44
C ALA B 204 -36.77 -5.58 5.28
N PHE B 205 -37.53 -4.51 5.50
CA PHE B 205 -38.18 -3.79 4.43
C PHE B 205 -37.26 -2.68 3.94
N GLN B 206 -37.30 -2.41 2.64
CA GLN B 206 -36.47 -1.33 2.11
C GLN B 206 -37.21 -0.50 1.08
N GLY B 207 -37.02 0.81 1.15
CA GLY B 207 -37.58 1.66 0.13
C GLY B 207 -37.14 3.08 0.33
N LEU B 208 -37.50 3.90 -0.65
CA LEU B 208 -37.09 5.29 -0.70
C LEU B 208 -38.26 6.22 -0.48
N ILE B 209 -37.93 7.45 -0.12
CA ILE B 209 -38.87 8.54 0.05
C ILE B 209 -38.13 9.80 -0.38
N THR B 210 -38.86 10.88 -0.57
CA THR B 210 -38.20 12.09 -1.01
C THR B 210 -37.61 12.80 0.18
N MET B 211 -36.61 13.64 -0.09
CA MET B 211 -36.10 14.51 0.95
C MET B 211 -37.20 15.45 1.45
N GLU B 212 -38.08 15.88 0.56
CA GLU B 212 -39.20 16.71 0.97
C GLU B 212 -40.08 15.98 2.00
N ASN B 213 -40.51 14.76 1.69
CA ASN B 213 -41.24 13.96 2.65
C ASN B 213 -40.42 13.75 3.91
N ALA B 214 -39.17 13.34 3.76
CA ALA B 214 -38.35 13.01 4.93
C ALA B 214 -38.24 14.20 5.87
N ILE B 215 -38.00 15.40 5.34
CA ILE B 215 -37.97 16.58 6.20
C ILE B 215 -39.32 16.76 6.87
N SER B 216 -40.38 16.80 6.06
CA SER B 216 -41.72 16.96 6.61
C SER B 216 -42.00 15.99 7.76
N ALA B 217 -41.39 14.81 7.75
CA ALA B 217 -41.70 13.77 8.72
C ALA B 217 -40.72 13.71 9.89
N LEU B 218 -39.42 13.95 9.66
CA LEU B 218 -38.45 13.88 10.74
C LEU B 218 -37.90 15.23 11.13
N GLY B 219 -38.04 16.24 10.28
CA GLY B 219 -37.31 17.48 10.44
C GLY B 219 -35.96 17.43 9.74
N GLU B 220 -35.41 18.63 9.52
CA GLU B 220 -34.33 18.78 8.55
C GLU B 220 -33.02 18.17 9.05
N ASP B 221 -32.67 18.43 10.32
CA ASP B 221 -31.45 17.85 10.86
C ASP B 221 -31.43 16.33 10.73
N LYS B 222 -32.50 15.65 11.19
CA LYS B 222 -32.56 14.19 11.05
C LYS B 222 -32.71 13.78 9.58
N ALA B 223 -33.53 14.49 8.81
CA ALA B 223 -33.77 14.05 7.43
C ALA B 223 -32.48 14.04 6.63
N ARG B 224 -31.55 14.92 6.97
CA ARG B 224 -30.33 15.04 6.19
C ARG B 224 -29.15 14.34 6.83
N THR B 225 -29.37 13.57 7.90
CA THR B 225 -28.34 12.75 8.48
C THR B 225 -28.75 11.28 8.52
N LEU B 226 -27.74 10.42 8.72
CA LEU B 226 -27.93 9.01 9.01
C LEU B 226 -28.34 8.88 10.47
N ASN B 227 -29.50 8.28 10.71
CA ASN B 227 -29.91 7.98 12.08
C ASN B 227 -30.47 6.56 12.15
N MET B 228 -30.21 5.92 13.29
CA MET B 228 -30.86 4.67 13.62
CA MET B 228 -30.84 4.65 13.63
C MET B 228 -31.84 4.90 14.77
N HIS B 229 -33.05 4.43 14.57
CA HIS B 229 -34.14 4.55 15.54
C HIS B 229 -34.27 3.20 16.21
N VAL B 230 -34.02 3.15 17.52
CA VAL B 230 -34.10 1.89 18.25
C VAL B 230 -35.48 1.79 18.85
N GLY B 231 -35.82 0.58 19.27
CA GLY B 231 -37.04 0.30 19.97
C GLY B 231 -37.19 -1.18 20.19
N PRO B 232 -38.39 -1.61 20.63
CA PRO B 232 -38.60 -3.04 20.95
C PRO B 232 -38.74 -3.90 19.70
N ASN B 233 -37.86 -4.88 19.58
CA ASN B 233 -37.94 -5.98 18.62
C ASN B 233 -37.88 -5.52 17.15
N ALA B 234 -37.61 -4.25 16.90
CA ALA B 234 -37.28 -3.81 15.56
C ALA B 234 -36.41 -2.57 15.67
N HIS B 235 -35.89 -2.14 14.52
CA HIS B 235 -35.24 -0.85 14.43
C HIS B 235 -35.25 -0.40 12.99
N LEU B 236 -35.02 0.89 12.81
CA LEU B 236 -35.09 1.53 11.53
C LEU B 236 -33.86 2.42 11.32
N ILE B 237 -33.28 2.34 10.13
CA ILE B 237 -32.17 3.19 9.74
C ILE B 237 -32.49 3.88 8.42
N HIS B 238 -32.15 5.16 8.34
CA HIS B 238 -32.32 5.95 7.13
C HIS B 238 -31.10 6.85 6.96
N TYR B 239 -30.86 7.28 5.70
CA TYR B 239 -29.71 8.10 5.33
C TYR B 239 -29.95 8.72 3.96
N PRO B 240 -29.52 9.95 3.71
CA PRO B 240 -29.71 10.54 2.38
C PRO B 240 -28.93 9.77 1.32
N VAL B 241 -29.48 9.78 0.12
CA VAL B 241 -28.86 9.15 -1.04
C VAL B 241 -29.11 10.06 -2.24
N ALA B 242 -28.57 9.68 -3.38
CA ALA B 242 -28.78 10.42 -4.63
C ALA B 242 -28.57 11.90 -4.39
N ASN B 243 -27.42 12.22 -3.78
CA ASN B 243 -27.04 13.62 -3.58
C ASN B 243 -28.12 14.38 -2.83
N GLU B 244 -28.43 13.89 -1.62
CA GLU B 244 -29.39 14.49 -0.70
C GLU B 244 -30.76 14.85 -1.33
N THR B 245 -31.16 14.17 -2.43
CA THR B 245 -32.50 14.38 -2.97
C THR B 245 -33.50 13.37 -2.44
N MET B 246 -33.02 12.23 -1.93
CA MET B 246 -33.90 11.21 -1.38
C MET B 246 -33.29 10.65 -0.11
N VAL B 247 -34.05 9.76 0.53
CA VAL B 247 -33.63 9.05 1.72
C VAL B 247 -33.98 7.59 1.54
N ASN B 248 -33.03 6.70 1.87
CA ASN B 248 -33.27 5.28 1.92
C ASN B 248 -33.72 4.86 3.31
N ILE B 249 -34.77 4.03 3.37
CA ILE B 249 -35.26 3.45 4.61
C ILE B 249 -34.89 1.96 4.62
N ALA B 250 -34.42 1.49 5.76
CA ALA B 250 -34.21 0.07 6.00
C ALA B 250 -34.84 -0.25 7.35
N ALA B 251 -35.94 -0.99 7.34
CA ALA B 251 -36.63 -1.30 8.58
C ALA B 251 -36.52 -2.79 8.86
N PHE B 252 -35.92 -3.11 9.99
CA PHE B 252 -35.70 -4.50 10.43
C PHE B 252 -36.74 -4.89 11.47
N VAL B 253 -37.26 -6.12 11.36
CA VAL B 253 -38.29 -6.63 12.26
C VAL B 253 -37.97 -8.08 12.57
N SER B 254 -38.68 -8.63 13.55
CA SER B 254 -38.40 -9.97 14.03
C SER B 254 -39.47 -10.93 13.53
N ASP B 255 -39.06 -12.19 13.37
CA ASP B 255 -39.86 -13.20 12.69
C ASP B 255 -39.65 -14.50 13.46
N PRO B 256 -40.64 -14.91 14.26
CA PRO B 256 -40.48 -16.17 15.01
C PRO B 256 -40.47 -17.38 14.11
N GLU B 257 -41.05 -17.28 12.93
CA GLU B 257 -41.13 -18.41 12.03
C GLU B 257 -39.77 -18.68 11.40
N GLU B 258 -39.60 -19.91 10.93
CA GLU B 258 -38.54 -20.25 10.01
C GLU B 258 -38.79 -19.63 8.63
N TRP B 259 -37.72 -19.53 7.86
CA TRP B 259 -37.83 -19.06 6.48
C TRP B 259 -38.06 -20.26 5.58
N PRO B 260 -39.12 -20.29 4.78
CA PRO B 260 -39.45 -21.50 4.01
C PRO B 260 -38.26 -22.03 3.21
N ASP B 261 -38.17 -23.36 3.13
CA ASP B 261 -37.10 -24.03 2.39
C ASP B 261 -37.08 -23.55 0.93
N LYS B 262 -35.92 -23.07 0.48
CA LYS B 262 -35.67 -22.61 -0.89
C LYS B 262 -36.62 -21.51 -1.33
N LEU B 263 -37.38 -20.93 -0.41
CA LEU B 263 -38.01 -19.67 -0.71
C LEU B 263 -36.91 -18.64 -0.93
N SER B 264 -37.05 -17.84 -1.98
CA SER B 264 -36.06 -16.82 -2.26
C SER B 264 -35.90 -15.84 -1.11
N LEU B 265 -34.71 -15.24 -1.01
CA LEU B 265 -34.40 -14.37 0.12
C LEU B 265 -34.88 -12.94 -0.06
N VAL B 266 -35.19 -12.53 -1.29
CA VAL B 266 -35.86 -11.26 -1.55
C VAL B 266 -37.26 -11.57 -2.03
N GLY B 267 -38.15 -10.59 -1.87
CA GLY B 267 -39.57 -10.78 -2.06
C GLY B 267 -40.28 -9.44 -2.03
N PRO B 268 -41.44 -9.36 -2.67
CA PRO B 268 -42.21 -8.11 -2.65
C PRO B 268 -43.09 -8.04 -1.41
N ALA B 269 -43.40 -6.80 -1.04
CA ALA B 269 -44.07 -6.51 0.20
C ALA B 269 -44.69 -5.13 0.00
N THR B 270 -45.34 -4.63 1.05
CA THR B 270 -46.18 -3.45 0.92
C THR B 270 -45.85 -2.47 2.03
N ARG B 271 -45.96 -1.17 1.73
CA ARG B 271 -45.76 -0.18 2.77
C ARG B 271 -46.68 -0.46 3.96
N GLU B 272 -47.88 -0.99 3.71
CA GLU B 272 -48.82 -1.28 4.80
C GLU B 272 -48.36 -2.44 5.67
N GLU B 273 -47.79 -3.50 5.08
CA GLU B 273 -47.15 -4.53 5.89
C GLU B 273 -46.08 -3.93 6.81
N ALA B 274 -45.19 -3.09 6.27
CA ALA B 274 -44.15 -2.54 7.14
C ALA B 274 -44.75 -1.62 8.18
N MET B 275 -45.81 -0.90 7.82
CA MET B 275 -46.38 0.08 8.75
C MET B 275 -46.91 -0.62 9.99
N GLY B 276 -47.41 -1.86 9.84
CA GLY B 276 -48.02 -2.55 10.96
C GLY B 276 -47.02 -3.05 11.99
N TYR B 277 -45.76 -3.22 11.59
CA TYR B 277 -44.73 -3.56 12.55
C TYR B 277 -44.34 -2.37 13.43
N PHE B 278 -44.65 -1.16 12.99
CA PHE B 278 -44.27 0.06 13.69
C PHE B 278 -45.49 0.86 14.14
N ALA B 279 -46.66 0.21 14.24
CA ALA B 279 -47.89 0.93 14.58
C ALA B 279 -47.77 1.68 15.90
N ASN B 280 -47.05 1.12 16.88
CA ASN B 280 -46.92 1.77 18.18
C ASN B 280 -45.73 2.70 18.28
N TRP B 281 -44.97 2.90 17.20
CA TRP B 281 -43.76 3.69 17.30
C TRP B 281 -44.14 5.14 17.24
N ASN B 282 -43.17 6.02 17.21
CA ASN B 282 -43.54 7.42 17.27
C ASN B 282 -44.02 7.88 15.90
N PRO B 283 -44.74 9.00 15.87
CA PRO B 283 -45.40 9.44 14.63
C PRO B 283 -44.48 9.68 13.45
N GLY B 284 -43.48 10.54 13.63
CA GLY B 284 -42.60 10.85 12.51
C GLY B 284 -42.13 9.60 11.81
N LEU B 285 -41.85 8.56 12.59
CA LEU B 285 -41.29 7.33 12.04
C LEU B 285 -42.33 6.55 11.25
N ARG B 286 -43.55 6.45 11.77
CA ARG B 286 -44.62 5.81 11.01
C ARG B 286 -44.93 6.60 9.74
N ALA B 287 -44.85 7.93 9.80
CA ALA B 287 -45.01 8.76 8.61
C ALA B 287 -43.96 8.45 7.55
N VAL B 288 -42.70 8.26 7.95
CA VAL B 288 -41.66 7.85 7.00
C VAL B 288 -42.12 6.63 6.21
N LEU B 289 -42.53 5.57 6.91
CA LEU B 289 -42.97 4.37 6.20
C LEU B 289 -44.18 4.66 5.31
N GLY B 290 -45.13 5.48 5.78
CA GLY B 290 -46.26 5.84 4.96
C GLY B 290 -45.88 6.53 3.65
N PHE B 291 -44.75 7.26 3.64
CA PHE B 291 -44.26 7.93 2.45
C PHE B 291 -43.53 7.01 1.49
N MET B 292 -43.23 5.78 1.88
CA MET B 292 -42.59 4.88 0.93
C MET B 292 -43.52 4.63 -0.24
N PRO B 293 -43.02 4.07 -1.33
CA PRO B 293 -43.91 3.55 -2.38
C PRO B 293 -44.94 2.60 -1.78
N GLU B 294 -45.93 2.19 -2.56
CA GLU B 294 -46.86 1.17 -2.11
C GLU B 294 -46.26 -0.23 -2.15
N ASN B 295 -45.36 -0.52 -3.10
CA ASN B 295 -44.65 -1.79 -3.16
C ASN B 295 -43.17 -1.58 -2.83
N ILE B 296 -42.66 -2.45 -1.95
CA ILE B 296 -41.29 -2.38 -1.44
C ILE B 296 -40.82 -3.83 -1.30
N ASP B 297 -39.56 -3.99 -0.98
CA ASP B 297 -38.98 -5.32 -0.92
C ASP B 297 -38.78 -5.78 0.51
N ARG B 298 -38.70 -7.09 0.65
CA ARG B 298 -38.57 -7.75 1.94
C ARG B 298 -37.31 -8.59 1.79
N TRP B 299 -36.34 -8.34 2.66
CA TRP B 299 -35.03 -9.00 2.58
C TRP B 299 -34.88 -9.87 3.81
N ALA B 300 -34.85 -11.18 3.61
CA ALA B 300 -34.47 -12.09 4.68
C ALA B 300 -32.97 -11.97 4.98
N MET B 301 -32.62 -12.11 6.26
CA MET B 301 -31.24 -11.92 6.69
C MET B 301 -30.68 -13.18 7.30
N PHE B 302 -29.82 -13.84 6.53
CA PHE B 302 -29.11 -15.07 6.86
C PHE B 302 -27.64 -14.75 7.14
N ASP B 303 -26.94 -15.67 7.79
CA ASP B 303 -25.54 -15.54 8.13
C ASP B 303 -24.98 -16.92 8.46
N THR B 304 -23.71 -16.93 8.89
CA THR B 304 -22.95 -18.11 9.27
C THR B 304 -22.82 -18.24 10.78
N TYR B 305 -23.70 -17.59 11.52
CA TYR B 305 -23.62 -17.54 12.99
C TYR B 305 -23.89 -18.90 13.65
N ASP B 306 -24.93 -19.62 13.19
CA ASP B 306 -25.31 -20.85 13.90
C ASP B 306 -24.27 -21.94 13.64
N TYR B 307 -23.72 -21.99 12.41
CA TYR B 307 -22.73 -23.02 12.01
C TYR B 307 -21.54 -22.36 11.33
N PRO B 308 -20.62 -21.74 12.09
CA PRO B 308 -19.47 -21.06 11.49
C PRO B 308 -18.42 -22.05 11.05
N ALA B 309 -17.73 -21.71 9.97
CA ALA B 309 -16.73 -22.58 9.38
C ALA B 309 -15.80 -23.14 10.48
N PRO B 310 -15.51 -24.44 10.49
CA PRO B 310 -14.45 -24.92 11.39
C PRO B 310 -13.08 -24.53 10.92
N PHE B 311 -12.93 -24.19 9.65
CA PHE B 311 -11.67 -23.74 9.05
C PHE B 311 -12.04 -23.03 7.76
N PHE B 312 -11.30 -21.94 7.47
CA PHE B 312 -11.41 -21.18 6.23
C PHE B 312 -10.62 -21.84 5.10
N SER B 313 -9.76 -22.81 5.38
CA SER B 313 -8.86 -23.31 4.36
C SER B 313 -8.55 -24.76 4.66
N ARG B 314 -8.03 -25.43 3.64
CA ARG B 314 -7.66 -26.83 3.67
C ARG B 314 -6.90 -27.12 2.38
N GLY B 315 -5.67 -27.60 2.50
CA GLY B 315 -4.88 -27.90 1.32
C GLY B 315 -4.66 -26.64 0.54
N LYS B 316 -5.05 -26.66 -0.74
CA LYS B 316 -4.91 -25.52 -1.64
C LYS B 316 -6.26 -24.91 -2.00
N ILE B 317 -7.21 -24.95 -1.06
CA ILE B 317 -8.50 -24.28 -1.14
C ILE B 317 -8.67 -23.34 0.03
N CYS B 318 -9.16 -22.14 -0.22
CA CYS B 318 -9.31 -21.16 0.85
C CYS B 318 -10.56 -20.33 0.63
N LEU B 319 -11.31 -20.10 1.69
CA LEU B 319 -12.50 -19.27 1.59
C LEU B 319 -12.19 -17.83 2.02
N VAL B 320 -12.96 -16.89 1.46
CA VAL B 320 -12.79 -15.47 1.71
C VAL B 320 -14.18 -14.84 1.62
N GLY B 321 -14.30 -13.63 2.15
CA GLY B 321 -15.53 -12.87 2.07
C GLY B 321 -16.73 -13.60 2.65
N ASP B 322 -17.92 -13.34 2.06
CA ASP B 322 -19.17 -13.90 2.61
C ASP B 322 -19.15 -15.44 2.59
N ALA B 323 -18.36 -16.03 1.68
CA ALA B 323 -18.20 -17.48 1.65
C ALA B 323 -17.63 -18.00 2.96
N ALA B 324 -16.65 -17.28 3.51
CA ALA B 324 -16.04 -17.70 4.76
C ALA B 324 -16.93 -17.32 5.94
N HIS B 325 -17.55 -16.13 5.90
CA HIS B 325 -18.10 -15.58 7.14
C HIS B 325 -19.20 -14.54 6.94
N ALA B 326 -20.20 -14.82 6.10
CA ALA B 326 -21.25 -13.83 5.90
C ALA B 326 -21.97 -13.52 7.20
N ALA B 327 -22.44 -12.29 7.29
CA ALA B 327 -22.98 -11.74 8.51
C ALA B 327 -24.24 -10.92 8.22
N VAL B 328 -25.08 -10.82 9.25
CA VAL B 328 -26.20 -9.89 9.25
C VAL B 328 -25.58 -8.52 9.19
N PRO B 329 -26.23 -7.54 8.61
CA PRO B 329 -25.52 -6.31 8.27
C PRO B 329 -25.68 -5.20 9.31
N HIS B 330 -25.59 -5.51 10.59
CA HIS B 330 -25.82 -4.44 11.57
C HIS B 330 -24.56 -3.74 12.06
N HIS B 331 -23.40 -4.07 11.52
CA HIS B 331 -22.23 -3.20 11.58
C HIS B 331 -21.89 -2.54 10.25
N GLY B 332 -22.57 -2.91 9.17
CA GLY B 332 -22.34 -2.25 7.89
C GLY B 332 -20.89 -2.29 7.49
N ALA B 333 -20.23 -3.44 7.68
CA ALA B 333 -18.80 -3.55 7.51
C ALA B 333 -18.41 -4.94 7.05
N GLY B 334 -19.38 -5.77 6.66
CA GLY B 334 -19.06 -7.17 6.39
C GLY B 334 -18.16 -7.31 5.18
N ALA B 335 -18.27 -6.38 4.21
CA ALA B 335 -17.34 -6.40 3.09
C ALA B 335 -15.97 -5.81 3.48
N CYS B 336 -15.94 -4.90 4.45
CA CYS B 336 -14.66 -4.54 5.08
C CYS B 336 -13.92 -5.76 5.62
N ILE B 337 -14.61 -6.67 6.30
CA ILE B 337 -13.93 -7.89 6.78
C ILE B 337 -13.36 -8.65 5.59
N GLY B 338 -14.16 -8.79 4.51
CA GLY B 338 -13.68 -9.42 3.28
C GLY B 338 -12.48 -8.74 2.62
N ILE B 339 -12.37 -7.44 2.72
CA ILE B 339 -11.21 -6.79 2.14
C ILE B 339 -9.94 -7.13 2.93
N GLU B 340 -10.05 -7.20 4.26
CA GLU B 340 -8.92 -7.72 5.06
C GLU B 340 -8.53 -9.12 4.59
N ASP B 341 -9.53 -10.03 4.44
CA ASP B 341 -9.26 -11.32 3.84
C ASP B 341 -8.43 -11.17 2.59
N ALA B 342 -8.92 -10.33 1.68
CA ALA B 342 -8.29 -10.15 0.37
C ALA B 342 -6.84 -9.67 0.51
N LEU B 343 -6.59 -8.73 1.41
CA LEU B 343 -5.24 -8.22 1.60
C LEU B 343 -4.31 -9.31 2.13
N CYS B 344 -4.80 -10.10 3.09
CA CYS B 344 -4.00 -11.14 3.71
C CYS B 344 -3.68 -12.25 2.73
N ALA B 345 -4.71 -12.74 2.00
CA ALA B 345 -4.48 -13.72 0.95
C ALA B 345 -3.54 -13.18 -0.13
N THR B 346 -3.73 -11.92 -0.55
CA THR B 346 -2.83 -11.32 -1.53
C THR B 346 -1.39 -11.25 -1.00
N VAL B 347 -1.19 -10.75 0.23
CA VAL B 347 0.20 -10.63 0.72
C VAL B 347 0.86 -12.01 0.85
N LEU B 348 0.10 -13.01 1.30
CA LEU B 348 0.66 -14.35 1.46
C LEU B 348 1.05 -14.97 0.13
N LEU B 349 0.12 -15.00 -0.85
CA LEU B 349 0.45 -15.53 -2.17
C LEU B 349 1.62 -14.80 -2.80
N ALA B 350 1.72 -13.47 -2.63
CA ALA B 350 2.93 -12.77 -3.08
C ALA B 350 4.18 -13.30 -2.38
N GLU B 351 4.07 -13.64 -1.09
CA GLU B 351 5.25 -14.21 -0.42
C GLU B 351 5.57 -15.61 -0.92
N VAL B 352 4.55 -16.45 -1.15
CA VAL B 352 4.80 -17.75 -1.80
C VAL B 352 5.57 -17.54 -3.10
N PHE B 353 5.18 -16.52 -3.87
CA PHE B 353 5.70 -16.37 -5.23
C PHE B 353 7.19 -15.99 -5.24
N VAL B 354 7.59 -15.00 -4.43
CA VAL B 354 9.00 -14.60 -4.40
C VAL B 354 9.88 -15.69 -3.76
N SER B 355 9.42 -16.32 -2.66
CA SER B 355 10.22 -17.24 -1.85
C SER B 355 10.32 -18.65 -2.44
N THR B 356 9.53 -19.00 -3.43
CA THR B 356 9.67 -20.31 -4.05
C THR B 356 10.03 -20.19 -5.52
N ARG B 357 10.67 -19.09 -5.91
CA ARG B 357 10.69 -18.68 -7.32
C ARG B 357 11.35 -19.76 -8.18
N GLY B 358 12.60 -20.10 -7.87
CA GLY B 358 13.27 -21.14 -8.63
C GLY B 358 13.37 -22.50 -7.96
N LYS B 359 12.31 -22.91 -7.28
CA LYS B 359 12.33 -24.16 -6.54
C LYS B 359 11.40 -25.16 -7.20
N SER B 360 11.51 -26.40 -6.71
CA SER B 360 10.78 -27.52 -7.25
C SER B 360 9.29 -27.27 -7.21
N SER B 361 8.56 -27.99 -8.04
CA SER B 361 7.11 -27.93 -7.95
C SER B 361 6.60 -28.44 -6.59
N ILE B 362 7.40 -29.22 -5.86
CA ILE B 362 6.94 -29.67 -4.55
C ILE B 362 6.96 -28.52 -3.55
N VAL B 363 8.03 -27.72 -3.55
CA VAL B 363 8.13 -26.63 -2.60
C VAL B 363 7.03 -25.61 -2.84
N ARG B 364 6.80 -25.24 -4.11
CA ARG B 364 5.78 -24.24 -4.45
CA ARG B 364 5.79 -24.23 -4.43
C ARG B 364 4.42 -24.67 -3.94
N ASN B 365 4.03 -25.93 -4.22
CA ASN B 365 2.69 -26.35 -3.80
C ASN B 365 2.59 -26.52 -2.29
N ARG B 366 3.64 -27.02 -1.63
CA ARG B 366 3.65 -26.99 -0.18
C ARG B 366 3.52 -25.56 0.36
N ALA B 367 4.29 -24.62 -0.23
CA ALA B 367 4.23 -23.22 0.20
C ALA B 367 2.81 -22.66 0.10
N ILE B 368 2.11 -22.92 -1.01
CA ILE B 368 0.68 -22.57 -1.05
C ILE B 368 -0.05 -23.13 0.17
N ALA B 369 0.04 -24.43 0.40
CA ALA B 369 -0.67 -25.04 1.54
C ALA B 369 -0.27 -24.38 2.86
N ALA B 370 1.01 -24.04 3.01
CA ALA B 370 1.43 -23.33 4.21
C ALA B 370 0.88 -21.91 4.26
N ALA B 371 0.77 -21.23 3.12
CA ALA B 371 0.15 -19.91 3.11
C ALA B 371 -1.34 -20.00 3.44
N PHE B 372 -2.06 -20.94 2.83
CA PHE B 372 -3.48 -21.07 3.15
C PHE B 372 -3.66 -21.47 4.62
N GLY B 373 -2.78 -22.34 5.14
CA GLY B 373 -2.70 -22.60 6.58
C GLY B 373 -2.58 -21.36 7.42
N SER B 374 -1.65 -20.47 7.05
CA SER B 374 -1.45 -19.26 7.86
C SER B 374 -2.70 -18.37 7.85
N PHE B 375 -3.24 -18.12 6.66
CA PHE B 375 -4.53 -17.41 6.51
C PHE B 375 -5.58 -17.82 7.51
N ASN B 376 -5.83 -19.12 7.61
CA ASN B 376 -6.82 -19.62 8.56
C ASN B 376 -6.43 -19.27 9.99
N ALA B 377 -5.16 -19.47 10.34
CA ALA B 377 -4.69 -19.14 11.68
C ALA B 377 -4.93 -17.68 12.02
N VAL B 378 -4.69 -16.76 11.09
CA VAL B 378 -4.72 -15.36 11.46
C VAL B 378 -6.05 -14.67 11.18
N ARG B 379 -6.93 -15.28 10.37
CA ARG B 379 -8.19 -14.58 10.05
C ARG B 379 -9.42 -15.11 10.79
N ARG B 380 -9.45 -16.39 11.17
CA ARG B 380 -10.72 -17.02 11.53
C ARG B 380 -11.33 -16.42 12.79
N VAL B 381 -10.49 -16.09 13.79
CA VAL B 381 -11.02 -15.60 15.05
C VAL B 381 -11.68 -14.25 14.84
N ARG B 382 -10.97 -13.31 14.19
CA ARG B 382 -11.56 -11.99 14.05
C ARG B 382 -12.85 -12.04 13.22
N ALA B 383 -12.91 -12.86 12.18
CA ALA B 383 -14.09 -12.79 11.31
C ALA B 383 -15.30 -13.51 11.93
N GLN B 384 -15.06 -14.60 12.65
CA GLN B 384 -16.14 -15.26 13.40
C GLN B 384 -16.56 -14.43 14.61
N TRP B 385 -15.65 -13.65 15.18
CA TRP B 385 -16.05 -12.67 16.18
C TRP B 385 -17.04 -11.69 15.60
N PHE B 386 -16.74 -11.19 14.38
CA PHE B 386 -17.56 -10.15 13.75
C PHE B 386 -18.96 -10.66 13.43
N VAL B 387 -19.09 -11.91 13.02
CA VAL B 387 -20.43 -12.44 12.70
C VAL B 387 -21.32 -12.41 13.94
N ASP B 388 -20.81 -12.98 15.04
CA ASP B 388 -21.46 -12.90 16.34
C ASP B 388 -21.74 -11.47 16.74
N SER B 389 -20.78 -10.57 16.54
CA SER B 389 -20.95 -9.18 16.96
C SER B 389 -22.12 -8.55 16.23
N SER B 390 -22.24 -8.82 14.92
CA SER B 390 -23.34 -8.27 14.11
C SER B 390 -24.71 -8.67 14.68
N ARG B 391 -24.88 -9.94 15.04
CA ARG B 391 -26.15 -10.30 15.69
C ARG B 391 -26.31 -9.56 17.00
N ARG B 392 -25.21 -9.46 17.78
CA ARG B 392 -25.30 -8.91 19.13
C ARG B 392 -25.72 -7.45 19.10
N VAL B 393 -25.20 -6.66 18.17
CA VAL B 393 -25.55 -5.25 18.24
C VAL B 393 -27.01 -5.09 17.88
N CYS B 394 -27.49 -5.89 16.93
CA CYS B 394 -28.91 -5.87 16.59
C CYS B 394 -29.75 -6.15 17.82
N ASP B 395 -29.37 -7.12 18.63
CA ASP B 395 -30.17 -7.36 19.84
C ASP B 395 -30.20 -6.14 20.75
N LEU B 396 -29.11 -5.36 20.79
CA LEU B 396 -29.10 -4.16 21.61
C LEU B 396 -29.95 -3.06 21.00
N TYR B 397 -29.97 -2.96 19.64
CA TYR B 397 -30.81 -1.96 18.97
C TYR B 397 -32.29 -2.26 19.21
N GLN B 398 -32.63 -3.56 19.41
CA GLN B 398 -33.97 -4.11 19.49
C GLN B 398 -34.37 -4.57 20.88
N GLN B 399 -33.73 -4.06 21.92
CA GLN B 399 -34.08 -4.45 23.28
C GLN B 399 -35.58 -4.26 23.52
N PRO B 400 -36.27 -5.25 24.10
CA PRO B 400 -37.67 -5.02 24.54
C PRO B 400 -37.82 -3.84 25.48
N GLU B 401 -36.82 -3.63 26.33
CA GLU B 401 -36.82 -2.55 27.30
C GLU B 401 -36.76 -1.15 26.69
N TRP B 402 -36.58 -1.00 25.38
CA TRP B 402 -36.77 0.34 24.81
C TRP B 402 -38.19 0.81 25.01
N ALA B 403 -39.13 -0.15 25.16
CA ALA B 403 -40.56 0.14 25.29
C ALA B 403 -40.93 0.68 26.67
N ASP B 404 -40.24 0.22 27.69
CA ASP B 404 -40.55 0.56 29.07
C ASP B 404 -39.76 1.76 29.52
N PRO B 405 -40.40 2.94 29.73
CA PRO B 405 -39.64 4.14 30.15
C PRO B 405 -38.94 4.02 31.48
N GLN B 406 -39.43 3.13 32.36
CA GLN B 406 -38.78 2.85 33.63
C GLN B 406 -37.50 2.05 33.48
N LYS B 407 -37.34 1.29 32.38
CA LYS B 407 -36.10 0.56 32.10
C LYS B 407 -35.12 1.35 31.21
N ARG B 408 -35.16 2.69 31.25
CA ARG B 408 -34.44 3.52 30.28
CA ARG B 408 -34.43 3.47 30.25
C ARG B 408 -32.92 3.49 30.52
N ILE B 409 -32.51 3.46 31.78
CA ILE B 409 -31.08 3.49 32.09
C ILE B 409 -30.42 2.21 31.62
N LYS B 410 -31.12 1.08 31.81
CA LYS B 410 -30.62 -0.20 31.35
C LYS B 410 -30.52 -0.23 29.83
N ALA B 411 -31.53 0.29 29.13
CA ALA B 411 -31.51 0.22 27.68
C ALA B 411 -30.33 1.03 27.16
N GLU B 412 -30.26 2.31 27.56
CA GLU B 412 -29.19 3.21 27.13
C GLU B 412 -27.80 2.73 27.53
N ASN B 413 -27.67 1.87 28.54
CA ASN B 413 -26.36 1.41 28.99
C ASN B 413 -25.65 0.55 27.95
N CYS B 414 -26.38 0.17 26.89
CA CYS B 414 -25.86 -0.71 25.85
C CYS B 414 -24.81 -0.05 24.97
N PHE B 415 -24.70 1.28 25.01
CA PHE B 415 -23.92 1.93 23.95
C PHE B 415 -22.44 1.88 24.22
N GLU B 416 -22.02 1.67 25.46
CA GLU B 416 -20.60 1.44 25.71
C GLU B 416 -20.16 0.23 24.89
N GLU B 417 -20.94 -0.86 24.96
CA GLU B 417 -20.56 -2.08 24.25
C GLU B 417 -20.56 -1.85 22.74
N ILE B 418 -21.59 -1.17 22.21
CA ILE B 418 -21.59 -0.78 20.79
C ILE B 418 -20.33 -0.01 20.41
N LYS B 419 -19.89 0.90 21.27
CA LYS B 419 -18.66 1.66 21.03
C LYS B 419 -17.45 0.74 20.95
N ASP B 420 -17.23 -0.05 22.00
CA ASP B 420 -16.18 -1.06 21.98
C ASP B 420 -16.19 -1.87 20.68
N ARG B 421 -17.35 -2.43 20.32
CA ARG B 421 -17.38 -3.33 19.17
C ARG B 421 -17.13 -2.57 17.86
N SER B 422 -17.70 -1.37 17.71
CA SER B 422 -17.44 -0.56 16.54
C SER B 422 -15.94 -0.23 16.43
N HIS B 423 -15.28 0.15 17.56
CA HIS B 423 -13.86 0.52 17.53
C HIS B 423 -13.00 -0.71 17.24
N LYS B 424 -13.38 -1.89 17.76
CA LYS B 424 -12.71 -3.10 17.29
C LYS B 424 -12.75 -3.25 15.75
N ILE B 425 -13.88 -2.90 15.12
CA ILE B 425 -13.97 -3.07 13.67
C ILE B 425 -13.10 -2.04 12.97
N TRP B 426 -13.26 -0.77 13.35
CA TRP B 426 -12.71 0.36 12.62
C TRP B 426 -11.20 0.57 12.82
N HIS B 427 -10.60 0.00 13.87
CA HIS B 427 -9.23 0.27 14.24
C HIS B 427 -8.36 -0.95 14.03
N PHE B 428 -8.74 -1.76 13.06
CA PHE B 428 -8.04 -3.00 12.85
C PHE B 428 -6.59 -2.69 12.50
N ASP B 429 -5.67 -3.42 13.15
CA ASP B 429 -4.25 -3.30 12.89
C ASP B 429 -3.88 -4.32 11.82
N TYR B 430 -4.11 -3.94 10.57
CA TYR B 430 -3.84 -4.85 9.46
C TYR B 430 -2.33 -5.06 9.24
N ASN B 431 -1.49 -4.08 9.62
CA ASN B 431 -0.03 -4.29 9.57
C ASN B 431 0.45 -5.40 10.49
N SER B 432 -0.06 -5.50 11.73
CA SER B 432 0.31 -6.66 12.55
C SER B 432 -0.25 -7.95 11.97
N MET B 433 -1.50 -7.94 11.52
CA MET B 433 -2.05 -9.16 10.90
C MET B 433 -1.08 -9.68 9.83
N LEU B 434 -0.60 -8.79 8.95
CA LEU B 434 0.24 -9.24 7.84
C LEU B 434 1.55 -9.80 8.35
N GLN B 435 2.17 -9.11 9.28
CA GLN B 435 3.40 -9.63 9.86
C GLN B 435 3.15 -10.96 10.54
N GLU B 436 2.03 -11.08 11.28
CA GLU B 436 1.65 -12.38 11.85
C GLU B 436 1.55 -13.45 10.77
N ALA B 437 0.86 -13.12 9.67
CA ALA B 437 0.68 -14.10 8.59
C ALA B 437 1.99 -14.49 7.94
N ILE B 438 2.93 -13.55 7.82
CA ILE B 438 4.22 -13.91 7.22
C ILE B 438 5.02 -14.82 8.15
N GLU B 439 5.11 -14.45 9.44
CA GLU B 439 5.76 -15.35 10.40
C GLU B 439 5.17 -16.73 10.39
N LYS B 440 3.83 -16.84 10.32
CA LYS B 440 3.20 -18.16 10.39
C LYS B 440 3.48 -18.96 9.12
N TYR B 441 3.50 -18.29 7.97
CA TYR B 441 3.91 -18.94 6.74
C TYR B 441 5.32 -19.49 6.86
N ARG B 442 6.26 -18.71 7.40
CA ARG B 442 7.64 -19.23 7.48
C ARG B 442 7.74 -20.40 8.45
N HIS B 443 7.11 -20.28 9.62
CA HIS B 443 7.04 -21.42 10.55
C HIS B 443 6.42 -22.65 9.89
N ASN B 444 5.43 -22.47 9.00
CA ASN B 444 4.77 -23.64 8.43
C ASN B 444 5.63 -24.33 7.39
N MET B 445 6.56 -23.59 6.75
CA MET B 445 7.48 -24.21 5.79
C MET B 445 8.64 -24.96 6.45
N GLY B 446 8.87 -24.78 7.74
CA GLY B 446 9.90 -25.52 8.44
C GLY B 446 11.03 -24.62 8.89
N SER B 447 10.73 -23.34 9.07
CA SER B 447 11.71 -22.32 9.41
C SER B 447 11.31 -21.57 10.70
PA FAD C . 18.78 10.88 -10.94
O1A FAD C . 20.01 11.74 -11.05
O2A FAD C . 19.09 9.42 -11.07
O5B FAD C . 17.68 11.29 -12.12
C5B FAD C . 17.59 12.63 -12.44
C4B FAD C . 16.83 12.72 -13.80
O4B FAD C . 16.54 13.97 -14.09
C3B FAD C . 17.76 12.20 -14.91
O3B FAD C . 17.02 11.39 -15.72
C2B FAD C . 18.22 13.51 -15.63
O2B FAD C . 18.56 13.06 -17.01
C1B FAD C . 17.19 14.29 -15.55
N9A FAD C . 17.45 15.71 -15.57
C8A FAD C . 18.45 16.40 -14.99
N7A FAD C . 18.29 17.70 -15.28
C5A FAD C . 17.18 17.82 -16.03
C6A FAD C . 16.59 18.91 -16.59
N6A FAD C . 16.96 20.29 -16.55
N1A FAD C . 15.48 18.79 -17.30
C2A FAD C . 14.92 17.55 -17.49
N3A FAD C . 15.50 16.46 -16.94
C4A FAD C . 16.64 16.60 -16.20
N1 FAD C . 20.71 4.36 -3.56
C2 FAD C . 19.98 3.23 -3.06
O2 FAD C . 18.90 3.37 -2.61
N3 FAD C . 20.59 1.92 -3.08
C4 FAD C . 21.90 1.74 -3.60
O4 FAD C . 22.34 0.63 -3.62
C4X FAD C . 22.62 2.91 -4.15
N5 FAD C . 23.96 2.78 -4.70
C5X FAD C . 24.66 3.99 -5.16
C6 FAD C . 25.98 3.91 -5.65
C7 FAD C . 26.64 5.06 -6.12
C7M FAD C . 28.08 4.84 -6.66
C8 FAD C . 25.98 6.28 -6.05
C8M FAD C . 26.66 7.53 -6.56
C9 FAD C . 24.69 6.37 -5.54
C9A FAD C . 24.01 5.24 -5.10
N10 FAD C . 22.66 5.37 -4.56
C10 FAD C . 22.00 4.19 -4.11
C1' FAD C . 21.95 6.68 -4.53
C2' FAD C . 20.97 6.66 -5.76
O2' FAD C . 21.55 6.26 -6.98
C3' FAD C . 20.37 8.03 -6.06
O3' FAD C . 19.84 8.56 -4.87
C4' FAD C . 19.26 8.03 -7.11
O4' FAD C . 19.74 7.80 -8.41
C5' FAD C . 18.52 9.38 -7.16
O5' FAD C . 17.39 9.29 -8.00
P FAD C . 16.84 10.64 -8.76
O1P FAD C . 15.72 10.22 -9.68
O2P FAD C . 16.50 11.75 -7.77
O3P FAD C . 18.13 11.28 -9.53
H51A FAD C . 17.09 13.11 -11.76
H52A FAD C . 18.47 13.02 -12.53
H4B FAD C . 16.01 12.23 -13.79
H3B FAD C . 18.55 11.73 -14.60
HO3A FAD C . 17.49 10.72 -15.96
H2B FAD C . 18.96 13.99 -15.23
HO2A FAD C . 19.22 12.51 -16.98
H1B FAD C . 16.64 14.05 -16.31
H8A FAD C . 19.14 16.03 -14.49
H61A FAD C . 16.49 20.88 -16.96
H62A FAD C . 17.66 20.53 -16.11
H2A FAD C . 14.15 17.47 -17.99
HN3 FAD C . 20.16 1.23 -2.77
H6 FAD C . 26.41 3.09 -5.67
HM71 FAD C . 28.41 3.99 -6.34
HM72 FAD C . 28.66 5.55 -6.34
HM73 FAD C . 28.06 4.84 -7.62
HM81 FAD C . 27.62 7.39 -6.58
HM82 FAD C . 26.45 8.28 -5.97
HM83 FAD C . 26.34 7.72 -7.46
H9 FAD C . 24.26 7.19 -5.51
H1'1 FAD C . 22.58 7.41 -4.61
H1'2 FAD C . 21.45 6.77 -3.70
H2' FAD C . 20.31 6.02 -5.46
HO2' FAD C . 20.96 5.91 -7.48
H3' FAD C . 21.10 8.57 -6.43
HO3' FAD C . 20.45 9.00 -4.46
H4' FAD C . 18.68 7.30 -6.83
HO4' FAD C . 19.09 7.66 -8.93
H5'1 FAD C . 19.12 10.06 -7.51
H5'2 FAD C . 18.23 9.63 -6.27
CL CL D . 23.59 6.09 -1.59
PA FAD E . -20.97 -11.74 -3.05
O1A FAD E . -22.20 -12.49 -2.60
O2A FAD E . -21.14 -10.23 -3.13
O5B FAD E . -20.35 -12.29 -4.44
C5B FAD E . -20.33 -13.68 -4.53
C4B FAD E . -20.24 -14.05 -6.03
O4B FAD E . -20.02 -15.31 -6.26
C3B FAD E . -21.59 -13.69 -6.74
O3B FAD E . -21.28 -12.87 -7.76
C2B FAD E . -22.16 -15.05 -7.15
O2B FAD E . -23.08 -14.99 -8.33
C1B FAD E . -21.09 -15.72 -7.41
N9A FAD E . -21.29 -17.11 -7.22
C8A FAD E . -22.00 -17.74 -6.26
N7A FAD E . -21.86 -19.05 -6.48
C5A FAD E . -21.09 -19.22 -7.54
C6A FAD E . -20.67 -20.35 -8.15
N6A FAD E . -20.93 -21.71 -7.82
N1A FAD E . -19.87 -20.24 -9.22
C2A FAD E . -19.47 -19.02 -9.68
N3A FAD E . -19.89 -17.90 -9.06
C4A FAD E . -20.71 -18.02 -8.00
N1 FAD E . -20.54 -4.46 3.82
C2 FAD E . -19.71 -3.29 4.02
O2 FAD E . -18.52 -3.39 4.10
N3 FAD E . -20.36 -1.99 4.09
C4 FAD E . -21.75 -1.87 3.93
O4 FAD E . -22.26 -0.79 4.00
C4X FAD E . -22.60 -3.06 3.77
N5 FAD E . -24.04 -2.93 3.67
C5X FAD E . -24.80 -4.18 3.53
C6 FAD E . -26.17 -4.09 3.44
C7 FAD E . -26.94 -5.23 3.29
C7M FAD E . -28.43 -4.94 3.23
C8 FAD E . -26.34 -6.46 3.24
C8M FAD E . -27.28 -7.66 3.07
C9 FAD E . -24.95 -6.58 3.32
C9A FAD E . -24.18 -5.44 3.47
N10 FAD E . -22.71 -5.53 3.59
C10 FAD E . -21.96 -4.33 3.71
C1' FAD E . -21.98 -6.79 3.51
C2' FAD E . -21.42 -6.93 2.10
O2' FAD E . -22.41 -6.66 1.13
C3' FAD E . -20.96 -8.36 1.89
O3' FAD E . -20.04 -8.70 2.85
C4' FAD E . -20.27 -8.52 0.54
O4' FAD E . -21.28 -8.26 -0.39
C5' FAD E . -19.70 -9.92 0.30
O5' FAD E . -18.93 -9.89 -0.86
P FAD E . -18.52 -11.29 -1.54
O1P FAD E . -17.74 -10.98 -2.82
O2P FAD E . -17.87 -12.30 -0.59
O3P FAD E . -19.92 -12.12 -1.86
H51A FAD E . -21.12 -14.06 -4.14
H52A FAD E . -19.54 -14.02 -4.06
H4B FAD E . -19.49 -13.57 -6.44
H3B FAD E . -22.26 -13.26 -6.17
HO3A FAD E . -21.30 -12.05 -7.49
H2B FAD E . -22.68 -15.44 -6.43
HO2A FAD E . -23.88 -14.87 -8.07
H1B FAD E . -20.80 -15.49 -8.30
H8A FAD E . -22.49 -17.34 -5.59
H61A FAD E . -20.86 -22.32 -8.42
H62A FAD E . -21.15 -21.93 -7.01
H2A FAD E . -18.91 -18.97 -10.41
HN3 FAD E . -19.88 -1.29 4.23
H6 FAD E . -26.58 -3.25 3.47
HM71 FAD E . -28.90 -5.55 3.84
HM72 FAD E . -28.75 -5.09 2.32
HM73 FAD E . -28.60 -4.03 3.49
HM81 FAD E . -28.03 -7.55 3.66
HM82 FAD E . -27.58 -7.71 2.16
HM83 FAD E . -26.80 -8.47 3.31
H9 FAD E . -24.55 -7.41 3.27
H1'1 FAD E . -22.57 -7.53 3.70
H1'2 FAD E . -21.25 -6.79 4.15
H2' FAD E . -20.69 -6.32 2.00
HO2' FAD E . -22.89 -7.35 1.02
H3' FAD E . -21.75 -8.93 1.94
HO3' FAD E . -20.30 -9.40 3.26
H4' FAD E . -19.51 -7.94 0.47
HO4' FAD E . -20.96 -8.31 -1.18
H5'1 FAD E . -20.42 -10.56 0.21
H5'2 FAD E . -19.14 -10.17 1.05
CL CL F . -22.48 -5.79 6.79
C1 GOL G . -26.75 -9.78 29.18
O1 GOL G . -27.56 -10.58 30.06
C2 GOL G . -27.76 -9.01 28.22
O2 GOL G . -27.93 -9.67 26.99
C3 GOL G . -27.24 -7.54 28.00
O3 GOL G . -25.90 -7.56 28.27
H11 GOL G . -26.13 -10.31 28.64
H12 GOL G . -26.20 -9.13 29.65
HO1 GOL G . -27.02 -11.02 30.55
H2 GOL G . -28.61 -8.97 28.68
HO2 GOL G . -28.52 -9.24 26.55
H31 GOL G . -27.74 -6.95 28.59
H32 GOL G . -27.45 -7.26 27.11
HO3 GOL G . -25.58 -6.82 27.98
#